data_1FFY
#
_entry.id   1FFY
#
_cell.length_a   71.000
_cell.length_b   100.000
_cell.length_c   186.000
_cell.angle_alpha   90.00
_cell.angle_beta   90.00
_cell.angle_gamma   90.00
#
_symmetry.space_group_name_H-M   'P 21 21 21'
#
loop_
_entity.id
_entity.type
_entity.pdbx_description
1 polymer ISOLEUCYL-TRNA
2 polymer 'ISOLEUCYL-TRNA SYNTHETASE'
3 non-polymer 'POTASSIUM ION'
4 non-polymer 'MAGNESIUM ION'
5 non-polymer 'ZINC ION'
6 non-polymer MUPIROCIN
7 water water
#
loop_
_entity_poly.entity_id
_entity_poly.type
_entity_poly.pdbx_seq_one_letter_code
_entity_poly.pdbx_strand_id
1 'polyribonucleotide' GGGCUUGUAGCUCAGGUGGUUAGAGCGCACCCCUGAUAAGGGUGAGGUCGGUGGUUCAAGUCCACUCAGGCCCAC T
2 'polypeptide(L)'
;MDYEKTLLMPKTDFPMRGGLPNKEPQIQEKWDAEDQYHKALEKNKGNETFILHDGPPYANGNLHMGHALNKILKDFIVRY
KTMQGFYAPYVPGWDTHGLPIEQALTKKGVDRKKMSTAEFREKCKEFALEQIELQKKDFRRLGVRGDFNDPYITLKPEYE
AAQIRIFGEMADKGLIYKGKKPVYWSPSSESSLAEAEIEYHDKRSASIYVAFNVKDDKGVVDADAKFIIWTTTPWTIPSN
VAITVHPELKYGQYNVNGEKYIIAEALSDAVAEALDWDKASIKLEKEYTGKELEWVVAQHPFLDRESLVINGDHVTTDAG
TGCVHTAPGHGEDDYIVGQQYELPVISPIDDKGVFTEEGGQFEGMFYDKANKAVTDLLTEKGALLKLDFITHSYPHDWRT
KKPVIFRATPQWFASISKVRQDILDAIENTNFKVNWGKTRIYNMVRDRGEWVISRQRVWGVPLPVFYAENGEIIMTKETV
NHVADLFAEHGSNIWFEREAKDLLPEGFTHPGSPNGTFTKETDIMDVWFDSGSSHRGVLETRPELSFPADMYLEGSDQYR
GWFNSSITTSVATRGVSPYKFLLSHGFVMDGEGKKMSKSLGNVIVPDQVVKQKGADIARLWVSSTDYLADVRISDEILKQ
TSDDYRKIRNTLRFMLGNINDFNPDTDSIPESELLEVDRYLLNRLREFTASTINNYENFDYLNIYQEVQNFINVELSNFY
LDYGKDILYIEQRDSHIRRSMQTVLYQILVDMTKLLAPILVHTAEEVWSHTPHVKEESVHLADMPKVVEVDQALLDKWRT
FMNLRDDVNRALETARNEKVIGKSLEAKVTIASNDKFNASEFLTSFDALHQLFIVSQVKVVDKLDDQATAYEHGDIVIEH
ADGEKCERCWNYSEDLGAVDELTHLCPRCQQVVKSLV
;
A
#
loop_
_chem_comp.id
_chem_comp.type
_chem_comp.name
_chem_comp.formula
A RNA linking ADENOSINE-5'-MONOPHOSPHATE 'C10 H14 N5 O7 P'
C RNA linking CYTIDINE-5'-MONOPHOSPHATE 'C9 H14 N3 O8 P'
G RNA linking GUANOSINE-5'-MONOPHOSPHATE 'C10 H14 N5 O8 P'
K non-polymer 'POTASSIUM ION' 'K 1'
MG non-polymer 'MAGNESIUM ION' 'Mg 2'
MRC non-polymer MUPIROCIN 'C26 H44 O9'
U RNA linking URIDINE-5'-MONOPHOSPHATE 'C9 H13 N2 O9 P'
ZN non-polymer 'ZINC ION' 'Zn 2'
#
# COMPACT_ATOMS: atom_id res chain seq x y z
N MET B 1 43.27 33.40 -34.68
CA MET B 1 42.13 33.90 -33.85
C MET B 1 41.42 32.70 -33.18
N ASP B 2 40.32 32.98 -32.49
CA ASP B 2 39.56 31.93 -31.82
C ASP B 2 38.39 31.42 -32.64
N TYR B 3 38.27 30.10 -32.72
CA TYR B 3 37.21 29.47 -33.49
C TYR B 3 35.90 29.33 -32.73
N GLU B 4 35.99 29.03 -31.44
CA GLU B 4 34.80 28.84 -30.61
C GLU B 4 33.77 29.99 -30.70
N LYS B 5 34.23 31.20 -30.99
CA LYS B 5 33.32 32.35 -31.10
C LYS B 5 32.32 32.20 -32.25
N THR B 6 32.73 31.46 -33.29
CA THR B 6 31.89 31.26 -34.46
C THR B 6 30.96 30.07 -34.26
N LEU B 7 31.19 29.33 -33.19
CA LEU B 7 30.39 28.15 -32.88
C LEU B 7 29.07 28.48 -32.20
N LEU B 8 28.11 27.56 -32.32
CA LEU B 8 26.82 27.72 -31.67
C LEU B 8 26.73 26.73 -30.51
N MET B 9 27.29 27.10 -29.37
CA MET B 9 27.28 26.25 -28.20
C MET B 9 25.94 26.36 -27.46
N PRO B 10 25.51 25.28 -26.80
CA PRO B 10 24.24 25.27 -26.06
C PRO B 10 24.14 26.43 -25.08
N LYS B 11 22.92 26.90 -24.84
CA LYS B 11 22.70 27.98 -23.89
C LYS B 11 21.42 27.78 -23.10
N THR B 12 21.57 27.82 -21.77
CA THR B 12 20.48 27.68 -20.80
C THR B 12 21.10 27.88 -19.43
N ASP B 13 20.31 28.38 -18.50
CA ASP B 13 20.80 28.54 -17.15
C ASP B 13 20.28 27.34 -16.34
N PHE B 14 19.58 26.42 -17.02
CA PHE B 14 19.09 25.21 -16.35
C PHE B 14 20.33 24.52 -15.83
N PRO B 15 20.44 24.37 -14.50
CA PRO B 15 21.57 23.75 -13.79
C PRO B 15 21.77 22.25 -14.02
N MET B 16 23.03 21.84 -14.03
CA MET B 16 23.33 20.44 -14.22
C MET B 16 22.96 19.71 -12.93
N ARG B 17 23.29 20.31 -11.79
CA ARG B 17 22.98 19.69 -10.51
C ARG B 17 21.59 20.14 -10.10
N GLY B 18 20.81 19.22 -9.55
CA GLY B 18 19.45 19.54 -9.15
C GLY B 18 19.23 20.56 -8.05
N GLY B 19 19.90 20.40 -6.91
CA GLY B 19 19.67 21.32 -5.81
C GLY B 19 18.21 21.16 -5.39
N LEU B 20 17.68 19.97 -5.62
CA LEU B 20 16.30 19.63 -5.29
C LEU B 20 15.78 20.08 -3.91
N PRO B 21 16.47 19.70 -2.83
CA PRO B 21 16.03 20.09 -1.48
C PRO B 21 15.81 21.59 -1.30
N ASN B 22 16.35 22.40 -2.20
CA ASN B 22 16.20 23.85 -2.10
C ASN B 22 15.41 24.46 -3.26
N LYS B 23 15.17 23.66 -4.28
CA LYS B 23 14.42 24.13 -5.44
C LYS B 23 12.94 23.70 -5.35
N GLU B 24 12.70 22.47 -4.92
CA GLU B 24 11.34 21.95 -4.82
C GLU B 24 10.37 22.71 -3.91
N PRO B 25 10.85 23.29 -2.80
CA PRO B 25 9.88 24.02 -1.96
C PRO B 25 9.32 25.24 -2.70
N GLN B 26 10.20 25.91 -3.43
CA GLN B 26 9.82 27.09 -4.20
C GLN B 26 8.77 26.73 -5.26
N ILE B 27 9.04 25.66 -6.00
CA ILE B 27 8.11 25.21 -7.03
C ILE B 27 6.78 24.87 -6.40
N GLN B 28 6.82 24.17 -5.27
CA GLN B 28 5.60 23.81 -4.57
C GLN B 28 4.89 25.09 -4.13
N GLU B 29 5.66 26.01 -3.57
CA GLU B 29 5.09 27.27 -3.12
C GLU B 29 4.28 27.90 -4.26
N LYS B 30 4.85 27.90 -5.45
CA LYS B 30 4.16 28.50 -6.59
C LYS B 30 2.92 27.71 -7.00
N TRP B 31 2.99 26.38 -7.01
CA TRP B 31 1.82 25.59 -7.37
C TRP B 31 0.64 25.90 -6.44
N ASP B 32 0.92 26.04 -5.16
CA ASP B 32 -0.14 26.34 -4.22
C ASP B 32 -0.71 27.72 -4.48
N ALA B 33 0.18 28.70 -4.57
CA ALA B 33 -0.21 30.07 -4.81
C ALA B 33 -1.13 30.22 -6.02
N GLU B 34 -0.84 29.48 -7.09
CA GLU B 34 -1.68 29.59 -8.27
C GLU B 34 -2.82 28.56 -8.23
N ASP B 35 -3.16 28.13 -7.02
CA ASP B 35 -4.23 27.14 -6.76
C ASP B 35 -4.39 26.12 -7.88
N GLN B 36 -3.27 25.48 -8.25
CA GLN B 36 -3.29 24.52 -9.34
C GLN B 36 -4.25 23.34 -9.15
N TYR B 37 -4.46 22.91 -7.90
CA TYR B 37 -5.36 21.79 -7.66
C TYR B 37 -6.70 22.07 -8.30
N HIS B 38 -7.28 23.22 -7.96
CA HIS B 38 -8.58 23.57 -8.50
C HIS B 38 -8.51 23.96 -9.97
N LYS B 39 -7.38 24.47 -10.41
CA LYS B 39 -7.21 24.85 -11.80
C LYS B 39 -7.19 23.60 -12.67
N ALA B 40 -6.52 22.58 -12.16
CA ALA B 40 -6.42 21.30 -12.86
C ALA B 40 -7.84 20.75 -13.03
N LEU B 41 -8.67 20.94 -12.00
CA LEU B 41 -10.04 20.45 -12.06
C LEU B 41 -10.85 21.24 -13.08
N GLU B 42 -10.83 22.57 -12.98
CA GLU B 42 -11.60 23.36 -13.93
C GLU B 42 -11.08 23.22 -15.37
N LYS B 43 -9.85 22.75 -15.53
CA LYS B 43 -9.30 22.55 -16.86
C LYS B 43 -10.06 21.41 -17.54
N ASN B 44 -10.54 20.44 -16.77
CA ASN B 44 -11.27 19.32 -17.34
C ASN B 44 -12.75 19.38 -16.93
N LYS B 45 -13.17 20.58 -16.52
CA LYS B 45 -14.52 20.88 -16.05
C LYS B 45 -15.69 19.96 -16.43
N GLY B 46 -15.90 19.69 -17.71
CA GLY B 46 -17.02 18.83 -18.05
C GLY B 46 -16.68 17.50 -18.71
N ASN B 47 -15.47 17.01 -18.47
CA ASN B 47 -15.07 15.75 -19.08
C ASN B 47 -15.39 14.55 -18.22
N GLU B 48 -15.08 13.37 -18.76
CA GLU B 48 -15.32 12.15 -18.02
C GLU B 48 -14.57 12.29 -16.71
N THR B 49 -15.10 11.63 -15.68
CA THR B 49 -14.50 11.71 -14.37
C THR B 49 -13.75 10.44 -13.96
N PHE B 50 -12.75 10.64 -13.10
CA PHE B 50 -11.98 9.52 -12.59
C PHE B 50 -11.86 9.78 -11.10
N ILE B 51 -12.39 8.86 -10.31
CA ILE B 51 -12.37 9.02 -8.86
C ILE B 51 -11.49 8.01 -8.15
N LEU B 52 -10.39 8.47 -7.59
CA LEU B 52 -9.52 7.58 -6.83
C LEU B 52 -9.74 8.00 -5.38
N HIS B 53 -10.44 7.17 -4.63
CA HIS B 53 -10.74 7.47 -3.23
C HIS B 53 -9.57 7.14 -2.31
N ASP B 54 -9.13 8.14 -1.56
CA ASP B 54 -8.02 7.99 -0.62
C ASP B 54 -8.42 7.24 0.66
N GLY B 55 -7.61 6.26 1.08
CA GLY B 55 -7.87 5.54 2.32
C GLY B 55 -7.32 6.48 3.38
N PRO B 56 -8.04 6.74 4.48
CA PRO B 56 -7.57 7.65 5.53
C PRO B 56 -6.45 7.22 6.47
N PRO B 57 -5.24 7.80 6.31
CA PRO B 57 -4.14 7.41 7.21
C PRO B 57 -4.49 7.82 8.62
N TYR B 58 -3.87 7.18 9.60
CA TYR B 58 -4.14 7.48 10.99
C TYR B 58 -3.43 8.72 11.48
N ALA B 59 -4.21 9.62 12.09
CA ALA B 59 -3.68 10.88 12.57
C ALA B 59 -2.85 10.76 13.85
N ASN B 60 -1.74 10.05 13.74
CA ASN B 60 -0.83 9.88 14.87
C ASN B 60 0.52 9.39 14.40
N GLY B 61 1.57 10.15 14.73
CA GLY B 61 2.91 9.75 14.35
C GLY B 61 3.45 10.33 13.06
N ASN B 62 4.63 9.84 12.67
CA ASN B 62 5.32 10.27 11.48
C ASN B 62 5.08 9.33 10.30
N LEU B 63 4.96 9.92 9.11
CA LEU B 63 4.78 9.12 7.91
C LEU B 63 5.99 8.24 7.76
N HIS B 64 5.77 7.02 7.28
CA HIS B 64 6.86 6.08 7.04
C HIS B 64 6.92 5.90 5.51
N MET B 65 7.91 5.17 5.02
CA MET B 65 8.08 4.94 3.59
C MET B 65 6.82 4.40 2.88
N GLY B 66 6.00 3.66 3.62
CA GLY B 66 4.77 3.13 3.05
C GLY B 66 3.81 4.24 2.66
N HIS B 67 3.70 5.28 3.49
CA HIS B 67 2.81 6.39 3.16
C HIS B 67 3.28 7.05 1.87
N ALA B 68 4.59 7.17 1.74
CA ALA B 68 5.22 7.80 0.58
C ALA B 68 4.97 7.00 -0.69
N LEU B 69 5.22 5.69 -0.62
CA LEU B 69 5.00 4.79 -1.76
C LEU B 69 3.55 4.92 -2.24
N ASN B 70 2.64 4.75 -1.29
CA ASN B 70 1.20 4.79 -1.52
C ASN B 70 0.67 6.12 -2.07
N LYS B 71 1.14 7.22 -1.50
CA LYS B 71 0.68 8.54 -1.94
C LYS B 71 1.26 8.92 -3.28
N ILE B 72 2.51 8.54 -3.51
CA ILE B 72 3.16 8.87 -4.77
C ILE B 72 2.56 8.06 -5.92
N LEU B 73 2.17 6.82 -5.65
CA LEU B 73 1.53 6.01 -6.70
C LEU B 73 0.19 6.65 -7.04
N LYS B 74 -0.55 7.07 -6.01
CA LYS B 74 -1.85 7.71 -6.22
C LYS B 74 -1.71 8.94 -7.10
N ASP B 75 -0.71 9.76 -6.80
CA ASP B 75 -0.46 10.99 -7.54
C ASP B 75 -0.10 10.70 -9.00
N PHE B 76 0.68 9.64 -9.23
CA PHE B 76 1.05 9.26 -10.60
C PHE B 76 -0.28 9.12 -11.36
N ILE B 77 -1.15 8.28 -10.79
CA ILE B 77 -2.44 7.96 -11.38
C ILE B 77 -3.33 9.16 -11.67
N VAL B 78 -3.56 10.00 -10.67
CA VAL B 78 -4.40 11.18 -10.86
C VAL B 78 -3.79 12.19 -11.83
N ARG B 79 -2.47 12.38 -11.75
CA ARG B 79 -1.81 13.32 -12.65
C ARG B 79 -1.92 12.85 -14.08
N TYR B 80 -1.70 11.55 -14.30
CA TYR B 80 -1.80 11.03 -15.65
C TYR B 80 -3.22 11.14 -16.18
N LYS B 81 -4.20 10.80 -15.35
CA LYS B 81 -5.59 10.90 -15.81
C LYS B 81 -5.93 12.37 -16.07
N THR B 82 -5.46 13.26 -15.19
CA THR B 82 -5.69 14.69 -15.37
C THR B 82 -5.11 15.13 -16.70
N MET B 83 -3.91 14.65 -17.01
CA MET B 83 -3.25 15.02 -18.25
C MET B 83 -3.90 14.40 -19.48
N GLN B 84 -4.87 13.52 -19.26
CA GLN B 84 -5.58 12.94 -20.40
C GLN B 84 -6.97 13.58 -20.45
N GLY B 85 -7.13 14.68 -19.71
CA GLY B 85 -8.39 15.39 -19.72
C GLY B 85 -9.48 14.94 -18.77
N PHE B 86 -9.21 13.98 -17.89
CA PHE B 86 -10.24 13.53 -16.96
C PHE B 86 -10.38 14.47 -15.75
N TYR B 87 -11.63 14.67 -15.33
CA TYR B 87 -11.91 15.47 -14.15
C TYR B 87 -11.61 14.48 -13.03
N ALA B 88 -10.48 14.65 -12.37
CA ALA B 88 -10.08 13.71 -11.33
C ALA B 88 -9.70 14.34 -10.00
N PRO B 89 -10.70 14.62 -9.17
CA PRO B 89 -10.44 15.23 -7.86
C PRO B 89 -9.83 14.19 -6.92
N TYR B 90 -8.79 14.59 -6.22
CA TYR B 90 -8.13 13.73 -5.28
C TYR B 90 -8.25 14.40 -3.92
N VAL B 91 -9.04 13.83 -3.02
CA VAL B 91 -9.20 14.41 -1.69
C VAL B 91 -8.62 13.51 -0.61
N PRO B 92 -7.54 13.93 0.04
CA PRO B 92 -6.94 13.11 1.09
C PRO B 92 -7.89 13.08 2.29
N GLY B 93 -7.70 12.11 3.17
CA GLY B 93 -8.52 11.99 4.35
C GLY B 93 -7.68 11.58 5.56
N TRP B 94 -8.25 11.71 6.74
CA TRP B 94 -7.57 11.33 7.96
C TRP B 94 -8.45 10.59 8.96
N ASP B 95 -7.89 9.51 9.49
CA ASP B 95 -8.54 8.66 10.48
C ASP B 95 -8.18 9.31 11.82
N THR B 96 -9.18 9.81 12.54
CA THR B 96 -8.90 10.53 13.80
C THR B 96 -9.36 10.02 15.16
N HIS B 97 -10.11 8.91 15.20
CA HIS B 97 -10.57 8.36 16.49
C HIS B 97 -9.68 7.18 16.86
N GLY B 98 -10.03 6.45 17.92
CA GLY B 98 -9.24 5.30 18.31
C GLY B 98 -8.41 5.34 19.58
N LEU B 99 -8.15 4.15 20.11
CA LEU B 99 -7.39 3.99 21.33
C LEU B 99 -5.99 4.59 21.25
N PRO B 100 -5.22 4.31 20.17
CA PRO B 100 -3.87 4.86 20.04
C PRO B 100 -3.77 6.35 20.37
N ILE B 101 -4.76 7.14 19.95
CA ILE B 101 -4.72 8.57 20.25
C ILE B 101 -5.06 8.84 21.71
N GLU B 102 -6.03 8.10 22.26
CA GLU B 102 -6.37 8.29 23.67
C GLU B 102 -5.09 8.03 24.44
N GLN B 103 -4.39 6.97 24.07
CA GLN B 103 -3.14 6.60 24.76
C GLN B 103 -2.07 7.69 24.64
N ALA B 104 -1.87 8.21 23.45
CA ALA B 104 -0.87 9.27 23.26
C ALA B 104 -1.14 10.40 24.26
N LEU B 105 -2.40 10.76 24.43
CA LEU B 105 -2.72 11.84 25.37
C LEU B 105 -2.38 11.42 26.79
N THR B 106 -2.80 10.23 27.17
CA THR B 106 -2.54 9.71 28.51
C THR B 106 -1.04 9.66 28.79
N LYS B 107 -0.30 9.15 27.82
CA LYS B 107 1.15 9.05 27.94
C LYS B 107 1.72 10.46 27.95
N LYS B 108 0.99 11.40 27.35
CA LYS B 108 1.41 12.78 27.29
C LYS B 108 1.21 13.41 28.67
N GLY B 109 0.36 12.78 29.48
CA GLY B 109 0.10 13.25 30.82
C GLY B 109 -1.24 13.96 30.98
N VAL B 110 -2.18 13.67 30.10
CA VAL B 110 -3.50 14.30 30.14
C VAL B 110 -4.34 13.83 31.33
N ASP B 111 -4.59 12.53 31.42
CA ASP B 111 -5.37 11.96 32.52
C ASP B 111 -6.87 12.18 32.44
N ARG B 112 -7.56 11.19 31.91
CA ARG B 112 -9.01 11.23 31.77
C ARG B 112 -9.64 11.59 33.12
N LYS B 113 -9.51 10.67 34.07
CA LYS B 113 -10.06 10.86 35.41
C LYS B 113 -9.52 12.12 36.04
N LYS B 114 -10.08 13.26 35.67
CA LYS B 114 -9.67 14.56 36.18
C LYS B 114 -10.20 15.66 35.26
N MET B 115 -11.16 15.31 34.40
CA MET B 115 -11.70 16.32 33.49
C MET B 115 -13.05 16.03 32.84
N SER B 116 -13.44 14.76 32.77
CA SER B 116 -14.71 14.39 32.16
C SER B 116 -14.52 14.04 30.68
N THR B 117 -15.40 13.20 30.18
CA THR B 117 -15.37 12.75 28.80
C THR B 117 -15.27 13.89 27.80
N ALA B 118 -16.21 14.82 27.91
CA ALA B 118 -16.28 15.98 27.02
C ALA B 118 -14.95 16.70 26.88
N GLU B 119 -14.29 17.00 28.00
CA GLU B 119 -13.00 17.70 27.95
C GLU B 119 -11.88 16.82 27.41
N PHE B 120 -11.96 15.53 27.72
CA PHE B 120 -10.93 14.61 27.27
C PHE B 120 -11.05 14.43 25.75
N ARG B 121 -12.27 14.27 25.27
CA ARG B 121 -12.52 14.12 23.85
C ARG B 121 -12.03 15.31 23.04
N GLU B 122 -12.21 16.51 23.58
CA GLU B 122 -11.76 17.72 22.88
C GLU B 122 -10.24 17.71 22.84
N LYS B 123 -9.62 17.16 23.88
CA LYS B 123 -8.17 17.05 23.94
C LYS B 123 -7.71 16.09 22.84
N CYS B 124 -8.47 15.02 22.63
CA CYS B 124 -8.12 14.06 21.57
C CYS B 124 -8.18 14.76 20.20
N LYS B 125 -9.26 15.51 19.98
CA LYS B 125 -9.46 16.22 18.73
C LYS B 125 -8.30 17.18 18.48
N GLU B 126 -7.99 17.99 19.48
CA GLU B 126 -6.90 18.96 19.39
C GLU B 126 -5.63 18.26 18.95
N PHE B 127 -5.38 17.08 19.51
CA PHE B 127 -4.18 16.31 19.19
C PHE B 127 -4.21 15.78 17.77
N ALA B 128 -5.35 15.23 17.37
CA ALA B 128 -5.49 14.68 16.04
C ALA B 128 -5.22 15.74 14.98
N LEU B 129 -5.79 16.93 15.17
CA LEU B 129 -5.62 18.02 14.23
C LEU B 129 -4.17 18.47 14.15
N GLU B 130 -3.47 18.45 15.29
CA GLU B 130 -2.05 18.84 15.26
C GLU B 130 -1.26 17.84 14.43
N GLN B 131 -1.49 16.55 14.67
CA GLN B 131 -0.81 15.47 13.96
C GLN B 131 -1.09 15.55 12.47
N ILE B 132 -2.33 15.88 12.12
CA ILE B 132 -2.73 16.00 10.73
C ILE B 132 -1.90 17.09 10.06
N GLU B 133 -1.81 18.26 10.69
CA GLU B 133 -1.02 19.35 10.12
C GLU B 133 0.39 18.88 9.78
N LEU B 134 1.04 18.19 10.71
CA LEU B 134 2.39 17.69 10.49
C LEU B 134 2.43 16.74 9.31
N GLN B 135 1.51 15.77 9.30
CA GLN B 135 1.46 14.81 8.21
C GLN B 135 1.14 15.46 6.87
N LYS B 136 0.21 16.40 6.88
CA LYS B 136 -0.19 17.08 5.66
C LYS B 136 1.02 17.80 5.06
N LYS B 137 1.86 18.34 5.93
CA LYS B 137 3.06 19.04 5.53
C LYS B 137 3.97 18.08 4.78
N ASP B 138 4.21 16.92 5.37
CA ASP B 138 5.09 15.92 4.75
C ASP B 138 4.54 15.38 3.43
N PHE B 139 3.24 15.10 3.38
CA PHE B 139 2.62 14.62 2.15
C PHE B 139 2.84 15.62 1.02
N ARG B 140 2.61 16.90 1.31
CA ARG B 140 2.79 17.94 0.30
C ARG B 140 4.25 18.13 -0.12
N ARG B 141 5.17 17.82 0.77
CA ARG B 141 6.58 17.93 0.43
C ARG B 141 6.99 16.82 -0.57
N LEU B 142 6.11 15.84 -0.79
CA LEU B 142 6.44 14.77 -1.74
C LEU B 142 6.01 15.20 -3.14
N GLY B 143 5.38 16.37 -3.23
CA GLY B 143 4.91 16.88 -4.51
C GLY B 143 3.52 16.42 -4.89
N VAL B 144 2.79 15.83 -3.95
CA VAL B 144 1.44 15.35 -4.23
C VAL B 144 0.44 16.51 -4.32
N ARG B 145 -0.41 16.44 -5.34
CA ARG B 145 -1.44 17.45 -5.55
C ARG B 145 -2.74 16.83 -5.10
N GLY B 146 -3.45 17.52 -4.20
CA GLY B 146 -4.70 17.03 -3.67
C GLY B 146 -5.37 18.13 -2.87
N ASP B 147 -6.64 17.93 -2.51
CA ASP B 147 -7.38 18.95 -1.75
C ASP B 147 -6.91 18.95 -0.31
N PHE B 148 -5.61 19.19 -0.10
CA PHE B 148 -5.04 19.21 1.23
C PHE B 148 -5.53 20.36 2.10
N ASN B 149 -6.13 21.38 1.51
CA ASN B 149 -6.64 22.48 2.33
C ASN B 149 -8.04 22.20 2.84
N ASP B 150 -8.71 21.23 2.23
CA ASP B 150 -10.06 20.85 2.62
C ASP B 150 -10.21 19.33 2.53
N PRO B 151 -9.40 18.61 3.33
CA PRO B 151 -9.42 17.15 3.36
C PRO B 151 -10.57 16.61 4.19
N TYR B 152 -10.98 15.37 3.92
CA TYR B 152 -12.04 14.79 4.71
C TYR B 152 -11.40 14.26 5.98
N ILE B 153 -12.16 14.30 7.08
CA ILE B 153 -11.68 13.87 8.41
C ILE B 153 -12.79 13.11 9.13
N THR B 154 -12.46 11.95 9.70
CA THR B 154 -13.47 11.15 10.38
C THR B 154 -14.13 11.82 11.58
N LEU B 155 -13.58 12.93 12.05
CA LEU B 155 -14.14 13.63 13.21
C LEU B 155 -15.04 14.80 12.84
N LYS B 156 -15.23 14.98 11.53
CA LYS B 156 -16.09 16.05 11.03
C LYS B 156 -17.56 15.68 11.19
N PRO B 157 -18.37 16.64 11.65
CA PRO B 157 -19.80 16.39 11.85
C PRO B 157 -20.49 15.64 10.70
N GLU B 158 -20.29 16.09 9.46
CA GLU B 158 -20.94 15.47 8.31
C GLU B 158 -20.54 14.03 8.04
N TYR B 159 -19.28 13.73 8.35
CA TYR B 159 -18.74 12.39 8.17
C TYR B 159 -19.36 11.49 9.25
N GLU B 160 -19.26 11.93 10.50
CA GLU B 160 -19.83 11.15 11.61
C GLU B 160 -21.30 10.85 11.38
N ALA B 161 -22.06 11.86 10.95
CA ALA B 161 -23.49 11.68 10.70
C ALA B 161 -23.73 10.60 9.64
N ALA B 162 -22.90 10.61 8.59
CA ALA B 162 -23.03 9.61 7.54
C ALA B 162 -22.79 8.22 8.13
N GLN B 163 -21.77 8.12 8.97
CA GLN B 163 -21.42 6.84 9.60
C GLN B 163 -22.62 6.31 10.39
N ILE B 164 -23.28 7.20 11.13
CA ILE B 164 -24.46 6.84 11.91
C ILE B 164 -25.54 6.33 10.97
N ARG B 165 -25.77 7.03 9.87
CA ARG B 165 -26.80 6.59 8.92
C ARG B 165 -26.47 5.19 8.38
N ILE B 166 -25.18 4.89 8.27
CA ILE B 166 -24.78 3.57 7.79
C ILE B 166 -25.18 2.54 8.85
N PHE B 167 -24.90 2.87 10.10
CA PHE B 167 -25.23 2.00 11.22
C PHE B 167 -26.75 1.78 11.26
N GLY B 168 -27.50 2.85 11.02
CA GLY B 168 -28.94 2.75 11.01
C GLY B 168 -29.49 1.83 9.93
N GLU B 169 -29.00 1.99 8.71
CA GLU B 169 -29.47 1.15 7.61
C GLU B 169 -29.18 -0.32 7.84
N MET B 170 -27.99 -0.63 8.35
CA MET B 170 -27.64 -2.01 8.63
C MET B 170 -28.54 -2.55 9.73
N ALA B 171 -28.81 -1.72 10.74
CA ALA B 171 -29.67 -2.13 11.84
C ALA B 171 -31.07 -2.44 11.34
N ASP B 172 -31.50 -1.69 10.34
CA ASP B 172 -32.83 -1.88 9.78
C ASP B 172 -32.94 -3.21 9.04
N LYS B 173 -31.93 -3.53 8.24
CA LYS B 173 -31.94 -4.79 7.51
C LYS B 173 -31.67 -5.95 8.46
N GLY B 174 -31.70 -5.67 9.75
CA GLY B 174 -31.45 -6.70 10.75
C GLY B 174 -30.04 -7.27 10.71
N LEU B 175 -29.04 -6.40 10.58
CA LEU B 175 -27.65 -6.84 10.53
C LEU B 175 -26.87 -6.45 11.78
N ILE B 176 -27.54 -5.77 12.70
CA ILE B 176 -26.90 -5.34 13.94
C ILE B 176 -27.63 -5.97 15.11
N TYR B 177 -26.87 -6.53 16.04
CA TYR B 177 -27.46 -7.16 17.20
C TYR B 177 -26.54 -7.12 18.40
N LYS B 178 -27.14 -7.23 19.58
CA LYS B 178 -26.37 -7.20 20.82
C LYS B 178 -26.18 -8.62 21.32
N GLY B 179 -24.99 -8.88 21.89
CA GLY B 179 -24.69 -10.20 22.40
C GLY B 179 -23.69 -10.08 23.53
N LYS B 180 -22.71 -10.98 23.53
CA LYS B 180 -21.69 -10.96 24.56
C LYS B 180 -20.43 -11.61 24.01
N LYS B 181 -19.29 -11.28 24.61
CA LYS B 181 -18.02 -11.84 24.18
C LYS B 181 -17.02 -11.77 25.32
N PRO B 182 -16.08 -12.72 25.37
CA PRO B 182 -15.09 -12.69 26.44
C PRO B 182 -14.05 -11.63 26.13
N VAL B 183 -13.57 -10.94 27.17
CA VAL B 183 -12.59 -9.88 27.00
C VAL B 183 -11.66 -9.84 28.20
N TYR B 184 -10.43 -9.40 28.00
CA TYR B 184 -9.49 -9.27 29.12
C TYR B 184 -10.16 -8.37 30.16
N TRP B 185 -10.22 -8.83 31.41
CA TRP B 185 -10.82 -8.01 32.45
C TRP B 185 -9.92 -7.93 33.67
N SER B 186 -9.70 -6.71 34.16
CA SER B 186 -8.85 -6.48 35.31
C SER B 186 -9.66 -6.18 36.57
N PRO B 187 -9.78 -7.16 37.47
CA PRO B 187 -10.55 -6.92 38.70
C PRO B 187 -9.95 -5.77 39.51
N SER B 188 -8.67 -5.49 39.31
CA SER B 188 -7.99 -4.40 40.02
C SER B 188 -8.48 -3.05 39.53
N SER B 189 -8.52 -2.86 38.22
CA SER B 189 -8.99 -1.60 37.65
C SER B 189 -10.51 -1.61 37.51
N GLU B 190 -11.13 -2.76 37.76
CA GLU B 190 -12.59 -2.88 37.64
C GLU B 190 -13.00 -2.40 36.26
N SER B 191 -12.21 -2.78 35.26
CA SER B 191 -12.44 -2.39 33.88
C SER B 191 -11.88 -3.40 32.92
N SER B 192 -12.32 -3.36 31.67
CA SER B 192 -11.80 -4.26 30.65
C SER B 192 -10.52 -3.63 30.11
N LEU B 193 -9.72 -4.41 29.40
CA LEU B 193 -8.47 -3.90 28.84
C LEU B 193 -8.21 -4.42 27.44
N ALA B 194 -7.51 -3.61 26.65
CA ALA B 194 -7.15 -4.00 25.29
C ALA B 194 -5.74 -4.58 25.39
N GLU B 195 -5.32 -5.35 24.39
CA GLU B 195 -3.99 -5.97 24.42
C GLU B 195 -2.89 -4.96 24.74
N ALA B 196 -3.13 -3.70 24.38
CA ALA B 196 -2.17 -2.62 24.61
C ALA B 196 -1.96 -2.28 26.07
N GLU B 197 -2.88 -2.70 26.93
CA GLU B 197 -2.76 -2.40 28.35
C GLU B 197 -2.33 -3.66 29.10
N ILE B 198 -2.03 -4.70 28.33
CA ILE B 198 -1.61 -5.98 28.89
C ILE B 198 -0.11 -6.23 28.77
N GLU B 199 0.48 -6.73 29.85
CA GLU B 199 1.89 -7.09 29.84
C GLU B 199 2.00 -8.38 30.64
N TYR B 200 2.88 -9.26 30.20
CA TYR B 200 3.05 -10.56 30.85
C TYR B 200 4.08 -10.67 31.96
N HIS B 201 3.72 -11.45 32.98
CA HIS B 201 4.56 -11.72 34.15
C HIS B 201 4.25 -13.15 34.59
N ASP B 202 5.25 -13.84 35.11
CA ASP B 202 5.04 -15.21 35.58
C ASP B 202 4.08 -15.23 36.76
N LYS B 203 3.28 -16.28 36.85
CA LYS B 203 2.32 -16.41 37.96
C LYS B 203 2.22 -17.84 38.46
N ARG B 204 1.85 -18.00 39.72
CA ARG B 204 1.69 -19.32 40.33
C ARG B 204 0.29 -19.83 40.07
N SER B 205 0.18 -20.84 39.22
CA SER B 205 -1.12 -21.41 38.89
C SER B 205 -1.15 -22.90 39.23
N ALA B 206 -2.18 -23.30 39.96
CA ALA B 206 -2.32 -24.70 40.34
C ALA B 206 -3.06 -25.46 39.24
N SER B 207 -2.31 -26.19 38.42
CA SER B 207 -2.89 -26.96 37.33
C SER B 207 -3.33 -28.34 37.80
N ILE B 208 -4.54 -28.75 37.43
CA ILE B 208 -5.04 -30.05 37.84
C ILE B 208 -5.68 -30.84 36.70
N TYR B 209 -5.84 -32.15 36.91
CA TYR B 209 -6.43 -33.04 35.92
C TYR B 209 -7.76 -33.64 36.38
N VAL B 210 -8.86 -33.12 35.84
CA VAL B 210 -10.19 -33.60 36.20
C VAL B 210 -10.78 -34.52 35.14
N ALA B 211 -10.45 -35.81 35.22
CA ALA B 211 -10.98 -36.77 34.26
C ALA B 211 -12.46 -36.99 34.58
N PHE B 212 -13.33 -36.69 33.62
CA PHE B 212 -14.76 -36.84 33.81
C PHE B 212 -15.33 -37.97 32.97
N ASN B 213 -16.30 -38.67 33.52
CA ASN B 213 -16.94 -39.80 32.84
C ASN B 213 -17.74 -39.43 31.59
N VAL B 214 -18.30 -40.47 30.96
CA VAL B 214 -19.11 -40.31 29.76
C VAL B 214 -20.37 -41.14 29.93
N LYS B 215 -21.24 -40.71 30.86
CA LYS B 215 -22.48 -41.41 31.15
C LYS B 215 -23.48 -41.27 30.01
N ASP B 216 -24.74 -40.97 30.34
CA ASP B 216 -25.78 -40.82 29.34
C ASP B 216 -25.81 -42.09 28.49
N ASP B 217 -26.06 -41.93 27.19
CA ASP B 217 -26.10 -43.05 26.27
C ASP B 217 -25.89 -42.58 24.85
N LYS B 218 -26.24 -41.32 24.60
CA LYS B 218 -26.08 -40.73 23.28
C LYS B 218 -24.58 -40.66 22.97
N GLY B 219 -23.79 -40.58 24.04
CA GLY B 219 -22.35 -40.53 23.90
C GLY B 219 -21.69 -41.87 24.19
N VAL B 220 -22.51 -42.85 24.55
CA VAL B 220 -22.01 -44.19 24.84
C VAL B 220 -21.88 -44.97 23.53
N VAL B 221 -21.74 -44.23 22.43
CA VAL B 221 -21.59 -44.82 21.10
C VAL B 221 -20.32 -45.67 21.09
N ASP B 222 -19.42 -45.36 22.02
CA ASP B 222 -18.14 -46.07 22.15
C ASP B 222 -17.75 -46.24 23.62
N ALA B 223 -18.39 -47.20 24.28
CA ALA B 223 -18.12 -47.51 25.69
C ALA B 223 -18.51 -46.37 26.63
N ASP B 224 -18.06 -46.49 27.88
CA ASP B 224 -18.33 -45.50 28.91
C ASP B 224 -17.00 -45.00 29.49
N ALA B 225 -15.99 -44.93 28.63
CA ALA B 225 -14.67 -44.49 29.03
C ALA B 225 -14.69 -42.97 29.25
N LYS B 226 -14.37 -42.58 30.48
CA LYS B 226 -14.35 -41.17 30.86
C LYS B 226 -13.44 -40.32 29.98
N PHE B 227 -13.76 -39.04 29.94
CA PHE B 227 -13.01 -38.05 29.18
C PHE B 227 -12.25 -37.21 30.21
N ILE B 228 -10.93 -37.21 30.13
CA ILE B 228 -10.10 -36.45 31.07
C ILE B 228 -10.19 -34.94 30.80
N ILE B 229 -9.77 -34.14 31.78
CA ILE B 229 -9.79 -32.67 31.66
C ILE B 229 -8.62 -32.04 32.40
N TRP B 230 -8.10 -30.94 31.86
CA TRP B 230 -6.97 -30.23 32.49
C TRP B 230 -7.07 -28.72 32.34
N THR B 231 -7.39 -28.03 33.43
CA THR B 231 -7.48 -26.58 33.40
C THR B 231 -6.50 -25.98 34.40
N THR B 232 -5.81 -24.94 33.99
CA THR B 232 -4.86 -24.28 34.88
C THR B 232 -5.65 -23.20 35.61
N THR B 233 -6.97 -23.31 35.53
CA THR B 233 -7.87 -22.37 36.16
C THR B 233 -9.01 -23.08 36.88
N PRO B 234 -8.84 -23.32 38.20
CA PRO B 234 -9.86 -24.00 39.03
C PRO B 234 -11.22 -23.31 38.99
N TRP B 235 -11.22 -21.99 38.84
CA TRP B 235 -12.48 -21.24 38.80
C TRP B 235 -13.11 -21.36 37.42
N THR B 236 -12.35 -21.88 36.46
CA THR B 236 -12.84 -22.08 35.11
C THR B 236 -13.38 -23.50 35.03
N ILE B 237 -13.83 -24.01 36.18
CA ILE B 237 -14.38 -25.33 36.27
C ILE B 237 -15.90 -25.24 36.39
N PRO B 238 -16.40 -24.23 37.14
CA PRO B 238 -17.86 -24.11 37.27
C PRO B 238 -18.49 -23.56 35.98
N SER B 239 -18.01 -24.05 34.84
CA SER B 239 -18.50 -23.63 33.54
C SER B 239 -18.61 -24.84 32.62
N ASN B 240 -19.51 -25.75 32.98
CA ASN B 240 -19.75 -26.97 32.23
C ASN B 240 -20.18 -26.68 30.80
N VAL B 241 -19.24 -26.80 29.87
CA VAL B 241 -19.53 -26.56 28.47
C VAL B 241 -18.60 -27.34 27.54
N ALA B 242 -19.20 -28.24 26.75
CA ALA B 242 -18.50 -29.06 25.76
C ALA B 242 -17.07 -29.52 26.11
N ILE B 243 -16.38 -30.04 25.09
CA ILE B 243 -15.01 -30.49 25.24
C ILE B 243 -14.24 -30.08 23.98
N THR B 244 -13.54 -31.02 23.36
CA THR B 244 -12.74 -30.70 22.17
C THR B 244 -12.52 -31.87 21.20
N VAL B 245 -12.11 -31.53 19.99
CA VAL B 245 -11.82 -32.49 18.93
C VAL B 245 -11.33 -31.78 17.68
N HIS B 246 -10.12 -32.09 17.24
CA HIS B 246 -9.59 -31.46 16.02
C HIS B 246 -9.84 -32.41 14.87
N PRO B 247 -10.91 -32.16 14.08
CA PRO B 247 -11.27 -33.00 12.93
C PRO B 247 -10.06 -33.54 12.17
N GLU B 248 -10.23 -34.74 11.61
CA GLU B 248 -9.20 -35.44 10.85
C GLU B 248 -8.33 -36.22 11.84
N LEU B 249 -7.71 -35.50 12.77
CA LEU B 249 -6.87 -36.13 13.80
C LEU B 249 -7.81 -36.92 14.72
N LYS B 250 -7.52 -38.20 14.91
CA LYS B 250 -8.37 -39.04 15.74
C LYS B 250 -7.69 -39.60 16.99
N TYR B 251 -7.75 -40.92 17.13
CA TYR B 251 -7.18 -41.64 18.27
C TYR B 251 -7.98 -41.46 19.54
N GLY B 252 -8.10 -42.55 20.30
CA GLY B 252 -8.84 -42.53 21.56
C GLY B 252 -8.17 -43.40 22.61
N GLN B 253 -7.28 -44.27 22.17
CA GLN B 253 -6.53 -45.16 23.05
C GLN B 253 -7.31 -46.30 23.72
N TYR B 254 -8.06 -45.98 24.78
CA TYR B 254 -8.83 -46.99 25.52
C TYR B 254 -7.84 -48.02 26.07
N ASN B 255 -7.16 -47.68 27.15
CA ASN B 255 -6.16 -48.59 27.72
C ASN B 255 -6.53 -49.23 29.05
N VAL B 256 -5.92 -50.38 29.30
CA VAL B 256 -6.14 -51.17 30.51
C VAL B 256 -6.17 -50.33 31.80
N ASN B 257 -6.64 -50.94 32.88
CA ASN B 257 -6.74 -50.29 34.18
C ASN B 257 -7.48 -48.96 34.08
N GLY B 258 -7.48 -48.21 35.18
CA GLY B 258 -8.17 -46.94 35.20
C GLY B 258 -9.60 -47.09 34.71
N GLU B 259 -9.86 -46.60 33.49
CA GLU B 259 -11.19 -46.69 32.88
C GLU B 259 -11.07 -46.65 31.35
N LYS B 260 -9.85 -46.85 30.85
CA LYS B 260 -9.61 -46.83 29.41
C LYS B 260 -10.10 -45.52 28.80
N TYR B 261 -9.69 -44.41 29.39
CA TYR B 261 -10.08 -43.08 28.92
C TYR B 261 -9.63 -42.82 27.48
N ILE B 262 -9.41 -41.54 27.16
CA ILE B 262 -8.96 -41.15 25.82
C ILE B 262 -7.85 -40.11 25.87
N ILE B 263 -6.83 -40.31 25.04
CA ILE B 263 -5.70 -39.39 24.94
C ILE B 263 -5.63 -38.87 23.51
N ALA B 264 -4.64 -39.34 22.76
CA ALA B 264 -4.44 -38.91 21.38
C ALA B 264 -3.23 -39.62 20.77
N GLU B 265 -2.98 -39.35 19.48
CA GLU B 265 -1.86 -39.96 18.78
C GLU B 265 -0.51 -39.34 19.14
N ALA B 266 -0.25 -38.13 18.67
CA ALA B 266 1.00 -37.45 18.97
C ALA B 266 1.05 -37.00 20.43
N LEU B 267 -0.03 -37.26 21.16
CA LEU B 267 -0.12 -36.87 22.57
C LEU B 267 0.24 -38.00 23.54
N SER B 268 -0.37 -39.17 23.33
CA SER B 268 -0.15 -40.35 24.17
C SER B 268 1.19 -40.35 24.92
N ASP B 269 2.29 -40.36 24.15
CA ASP B 269 3.63 -40.36 24.72
C ASP B 269 3.76 -39.29 25.81
N ALA B 270 3.46 -38.06 25.45
CA ALA B 270 3.55 -36.93 26.39
C ALA B 270 2.19 -36.64 27.04
N VAL B 271 1.54 -37.68 27.55
CA VAL B 271 0.25 -37.52 28.22
C VAL B 271 0.18 -38.36 29.49
N ALA B 272 0.23 -39.67 29.32
CA ALA B 272 0.19 -40.58 30.47
C ALA B 272 1.53 -40.45 31.18
N GLU B 273 2.53 -40.02 30.43
CA GLU B 273 3.89 -39.83 30.93
C GLU B 273 3.94 -39.00 32.22
N ALA B 274 3.03 -38.04 32.33
CA ALA B 274 2.97 -37.18 33.50
C ALA B 274 1.77 -37.55 34.36
N LEU B 275 0.91 -38.40 33.82
CA LEU B 275 -0.28 -38.86 34.54
C LEU B 275 0.08 -39.84 35.64
N ASP B 276 1.38 -40.01 35.88
CA ASP B 276 1.86 -40.91 36.92
C ASP B 276 1.50 -42.37 36.62
N TRP B 277 0.71 -42.59 35.57
CA TRP B 277 0.32 -43.94 35.20
C TRP B 277 1.39 -44.56 34.30
N ASP B 278 1.81 -45.77 34.64
CA ASP B 278 2.81 -46.49 33.87
C ASP B 278 2.88 -47.90 34.44
N LYS B 279 1.71 -48.48 34.69
CA LYS B 279 1.60 -49.82 35.25
C LYS B 279 1.88 -50.85 34.17
N ALA B 280 3.12 -50.80 33.64
CA ALA B 280 3.59 -51.69 32.58
C ALA B 280 3.25 -51.09 31.22
N SER B 281 3.32 -49.76 31.13
CA SER B 281 3.01 -49.01 29.91
C SER B 281 1.96 -49.72 29.06
N ILE B 282 0.99 -50.33 29.75
CA ILE B 282 -0.09 -51.07 29.13
C ILE B 282 -0.44 -50.53 27.74
N LYS B 283 -0.55 -51.45 26.78
CA LYS B 283 -0.85 -51.11 25.39
C LYS B 283 -2.31 -50.71 25.14
N LEU B 284 -2.53 -49.94 24.08
CA LEU B 284 -3.87 -49.49 23.72
C LEU B 284 -4.64 -50.61 23.03
N GLU B 285 -5.86 -50.30 22.59
CA GLU B 285 -6.70 -51.28 21.91
C GLU B 285 -7.69 -50.60 20.97
N LYS B 286 -8.90 -50.40 21.49
CA LYS B 286 -10.01 -49.78 20.76
C LYS B 286 -10.02 -48.26 20.74
N GLU B 287 -9.16 -47.66 19.91
CA GLU B 287 -9.14 -46.21 19.81
C GLU B 287 -10.38 -45.86 18.98
N TYR B 288 -11.12 -44.84 19.41
CA TYR B 288 -12.33 -44.45 18.69
C TYR B 288 -12.34 -43.04 18.08
N THR B 289 -11.91 -42.97 16.83
CA THR B 289 -11.83 -41.74 16.02
C THR B 289 -12.16 -40.43 16.72
N GLY B 290 -11.14 -39.60 16.90
CA GLY B 290 -11.34 -38.31 17.54
C GLY B 290 -12.34 -37.46 16.79
N LYS B 291 -11.91 -36.91 15.66
CA LYS B 291 -12.77 -36.07 14.83
C LYS B 291 -14.26 -36.40 14.96
N GLU B 292 -14.62 -37.57 14.45
CA GLU B 292 -16.00 -38.05 14.46
C GLU B 292 -16.72 -38.09 15.80
N LEU B 293 -15.99 -38.00 16.91
CA LEU B 293 -16.60 -38.03 18.22
C LEU B 293 -17.40 -36.77 18.51
N GLU B 294 -18.33 -36.44 17.62
CA GLU B 294 -19.17 -35.26 17.78
C GLU B 294 -20.46 -35.64 18.49
N TRP B 295 -20.91 -34.76 19.39
CA TRP B 295 -22.15 -34.99 20.14
C TRP B 295 -22.07 -36.20 21.06
N VAL B 296 -20.86 -36.61 21.42
CA VAL B 296 -20.65 -37.75 22.31
C VAL B 296 -21.15 -37.39 23.72
N VAL B 297 -22.40 -36.93 23.78
CA VAL B 297 -23.04 -36.53 25.04
C VAL B 297 -22.38 -37.15 26.28
N ALA B 298 -21.88 -36.30 27.17
CA ALA B 298 -21.21 -36.77 28.38
C ALA B 298 -21.43 -35.88 29.60
N GLN B 299 -21.95 -36.47 30.67
CA GLN B 299 -22.20 -35.74 31.91
C GLN B 299 -20.88 -35.47 32.63
N HIS B 300 -20.59 -34.19 32.89
CA HIS B 300 -19.36 -33.81 33.57
C HIS B 300 -19.58 -33.50 35.05
N PRO B 301 -19.47 -34.52 35.91
CA PRO B 301 -19.63 -34.52 37.37
C PRO B 301 -19.47 -33.20 38.12
N PHE B 302 -18.62 -33.22 39.15
CA PHE B 302 -18.34 -32.07 40.02
C PHE B 302 -19.59 -31.48 40.64
N LEU B 303 -20.75 -31.81 40.07
CA LEU B 303 -22.08 -31.35 40.49
C LEU B 303 -22.82 -30.84 39.26
N ASP B 304 -22.56 -31.49 38.12
CA ASP B 304 -23.17 -31.11 36.86
C ASP B 304 -24.68 -31.26 36.80
N ARG B 305 -25.18 -31.36 35.58
CA ARG B 305 -26.60 -31.51 35.30
C ARG B 305 -26.70 -31.67 33.80
N GLU B 306 -25.77 -31.03 33.10
CA GLU B 306 -25.72 -31.08 31.65
C GLU B 306 -24.48 -31.79 31.15
N SER B 307 -24.63 -32.43 30.01
CA SER B 307 -23.54 -33.17 29.37
C SER B 307 -22.84 -32.24 28.38
N LEU B 308 -21.54 -32.42 28.20
CA LEU B 308 -20.78 -31.58 27.30
C LEU B 308 -20.57 -32.19 25.91
N VAL B 309 -20.81 -31.38 24.89
CA VAL B 309 -20.68 -31.79 23.49
C VAL B 309 -19.26 -31.57 22.99
N ILE B 310 -19.01 -31.85 21.72
CA ILE B 310 -17.71 -31.66 21.11
C ILE B 310 -17.85 -31.39 19.61
N ASN B 311 -17.25 -30.30 19.14
CA ASN B 311 -17.33 -29.94 17.73
C ASN B 311 -15.96 -29.64 17.14
N GLY B 312 -15.90 -29.50 15.82
CA GLY B 312 -14.65 -29.23 15.14
C GLY B 312 -13.78 -28.27 15.92
N ASP B 313 -12.46 -28.35 15.72
CA ASP B 313 -11.55 -27.48 16.44
C ASP B 313 -10.47 -26.88 15.54
N HIS B 314 -9.85 -25.80 16.03
CA HIS B 314 -8.79 -25.11 15.32
C HIS B 314 -7.65 -24.85 16.30
N VAL B 315 -6.64 -25.71 16.27
CA VAL B 315 -5.48 -25.61 17.15
C VAL B 315 -5.79 -26.18 18.54
N THR B 316 -5.27 -27.37 18.83
CA THR B 316 -5.49 -28.04 20.11
C THR B 316 -4.28 -28.87 20.53
N THR B 317 -3.77 -29.67 19.59
CA THR B 317 -2.62 -30.53 19.84
C THR B 317 -1.37 -29.77 20.23
N ASP B 318 -0.64 -30.31 21.21
CA ASP B 318 0.60 -29.73 21.71
C ASP B 318 0.87 -30.27 23.11
N ALA B 319 1.92 -29.75 23.75
CA ALA B 319 2.29 -30.18 25.10
C ALA B 319 1.04 -30.30 25.97
N GLY B 320 0.05 -29.48 25.66
CA GLY B 320 -1.19 -29.52 26.41
C GLY B 320 -1.97 -30.77 26.08
N THR B 321 -2.32 -31.53 27.11
CA THR B 321 -3.06 -32.79 26.94
C THR B 321 -4.17 -32.68 25.90
N GLY B 322 -4.54 -33.82 25.33
CA GLY B 322 -5.59 -33.84 24.32
C GLY B 322 -6.95 -33.45 24.85
N CYS B 323 -7.14 -33.60 26.16
CA CYS B 323 -8.40 -33.25 26.81
C CYS B 323 -8.42 -31.78 27.21
N VAL B 324 -9.15 -30.97 26.43
CA VAL B 324 -9.24 -29.52 26.65
C VAL B 324 -10.46 -29.06 27.46
N HIS B 325 -11.66 -29.30 26.94
CA HIS B 325 -12.90 -28.88 27.58
C HIS B 325 -13.08 -27.37 27.41
N THR B 326 -14.33 -26.92 27.29
CA THR B 326 -14.58 -25.50 27.11
C THR B 326 -15.57 -24.88 28.12
N ALA B 327 -15.71 -23.57 28.02
CA ALA B 327 -16.59 -22.79 28.88
C ALA B 327 -16.56 -21.35 28.38
N PRO B 328 -17.33 -21.04 27.31
CA PRO B 328 -17.43 -19.72 26.68
C PRO B 328 -17.53 -18.53 27.63
N GLY B 329 -17.60 -18.80 28.93
CA GLY B 329 -17.68 -17.73 29.89
C GLY B 329 -16.31 -17.11 30.15
N HIS B 330 -15.25 -17.82 29.78
CA HIS B 330 -13.90 -17.34 30.01
C HIS B 330 -12.89 -17.77 28.96
N GLY B 331 -13.23 -17.64 27.68
CA GLY B 331 -12.29 -18.05 26.66
C GLY B 331 -12.46 -17.42 25.29
N GLU B 332 -11.34 -17.03 24.69
CA GLU B 332 -11.32 -16.41 23.37
C GLU B 332 -12.05 -17.29 22.36
N ASP B 333 -11.31 -18.18 21.70
CA ASP B 333 -11.91 -19.09 20.73
C ASP B 333 -12.76 -20.12 21.46
N ASP B 334 -12.62 -20.16 22.78
CA ASP B 334 -13.39 -21.07 23.61
C ASP B 334 -14.85 -20.65 23.51
N TYR B 335 -15.06 -19.46 22.95
CA TYR B 335 -16.39 -18.89 22.77
C TYR B 335 -16.89 -19.07 21.34
N ILE B 336 -15.99 -18.95 20.36
CA ILE B 336 -16.39 -19.09 18.97
C ILE B 336 -16.94 -20.49 18.67
N VAL B 337 -16.05 -21.48 18.59
CA VAL B 337 -16.48 -22.86 18.31
C VAL B 337 -17.47 -23.30 19.38
N GLY B 338 -17.45 -22.61 20.52
CA GLY B 338 -18.34 -22.93 21.60
C GLY B 338 -19.44 -21.89 21.73
N GLN B 339 -20.43 -21.99 20.86
CA GLN B 339 -21.55 -21.05 20.85
C GLN B 339 -22.49 -21.39 19.69
N GLN B 340 -21.90 -21.80 18.56
CA GLN B 340 -22.67 -22.16 17.37
C GLN B 340 -23.85 -23.02 17.78
N TYR B 341 -23.65 -23.78 18.85
CA TYR B 341 -24.68 -24.68 19.35
C TYR B 341 -25.30 -24.11 20.61
N GLU B 342 -26.48 -24.61 20.95
CA GLU B 342 -27.19 -24.15 22.15
C GLU B 342 -26.27 -24.25 23.37
N LEU B 343 -25.62 -23.14 23.70
CA LEU B 343 -24.69 -23.11 24.83
C LEU B 343 -24.98 -21.92 25.75
N PRO B 344 -25.29 -22.20 27.03
CA PRO B 344 -25.58 -21.15 28.01
C PRO B 344 -24.31 -20.47 28.55
N VAL B 345 -24.27 -19.13 28.48
CA VAL B 345 -23.13 -18.35 28.96
C VAL B 345 -22.86 -18.65 30.43
N ILE B 346 -21.68 -19.20 30.70
CA ILE B 346 -21.29 -19.60 32.05
C ILE B 346 -20.49 -18.61 32.91
N SER B 347 -20.67 -18.76 34.23
CA SER B 347 -19.99 -17.96 35.25
C SER B 347 -20.34 -16.48 35.38
N PRO B 348 -20.29 -15.97 36.63
CA PRO B 348 -20.58 -14.58 37.00
C PRO B 348 -19.31 -13.72 37.14
N ILE B 349 -19.09 -13.23 38.36
CA ILE B 349 -17.95 -12.38 38.70
C ILE B 349 -18.21 -10.95 38.25
N ASP B 350 -18.34 -10.05 39.23
CA ASP B 350 -18.59 -8.64 38.94
C ASP B 350 -17.28 -7.95 38.55
N ASP B 351 -17.31 -6.63 38.42
CA ASP B 351 -16.13 -5.85 38.05
C ASP B 351 -14.99 -6.12 39.02
N LYS B 352 -15.32 -6.86 40.09
CA LYS B 352 -14.36 -7.24 41.12
C LYS B 352 -14.23 -8.75 41.00
N GLY B 353 -13.09 -9.29 41.44
CA GLY B 353 -12.89 -10.72 41.36
C GLY B 353 -13.94 -11.54 42.08
N VAL B 354 -14.97 -10.86 42.59
CA VAL B 354 -16.06 -11.50 43.33
C VAL B 354 -17.24 -11.90 42.44
N PHE B 355 -17.87 -13.03 42.76
CA PHE B 355 -19.01 -13.55 42.01
C PHE B 355 -20.24 -13.74 42.91
N THR B 356 -21.27 -14.39 42.37
CA THR B 356 -22.50 -14.63 43.14
C THR B 356 -23.29 -15.84 42.67
N GLU B 357 -23.99 -15.70 41.55
CA GLU B 357 -24.81 -16.75 40.97
C GLU B 357 -24.05 -18.03 40.65
N GLU B 358 -24.72 -19.16 40.84
CA GLU B 358 -24.14 -20.49 40.59
C GLU B 358 -23.00 -20.79 41.57
N GLY B 359 -22.42 -19.73 42.13
CA GLY B 359 -21.34 -19.92 43.09
C GLY B 359 -21.84 -20.63 44.32
N GLY B 360 -21.31 -21.83 44.58
CA GLY B 360 -21.73 -22.60 45.73
C GLY B 360 -21.27 -22.01 47.05
N GLN B 361 -20.35 -22.69 47.72
CA GLN B 361 -19.81 -22.23 49.00
C GLN B 361 -19.16 -20.86 48.79
N PHE B 362 -18.66 -20.67 47.56
CA PHE B 362 -18.01 -19.44 47.16
C PHE B 362 -19.02 -18.50 46.50
N GLU B 363 -19.77 -17.76 47.32
CA GLU B 363 -20.78 -16.84 46.83
C GLU B 363 -20.41 -15.39 47.02
N GLY B 364 -19.21 -15.12 47.52
CA GLY B 364 -18.80 -13.74 47.72
C GLY B 364 -17.36 -13.53 48.14
N MET B 365 -16.44 -14.17 47.43
CA MET B 365 -15.02 -14.05 47.76
C MET B 365 -14.19 -13.54 46.57
N PHE B 366 -13.56 -14.45 45.83
CA PHE B 366 -12.75 -14.06 44.68
C PHE B 366 -12.46 -15.21 43.74
N TYR B 367 -11.83 -14.90 42.62
CA TYR B 367 -11.51 -15.91 41.62
C TYR B 367 -10.17 -16.58 41.92
N ASP B 368 -9.46 -16.09 42.93
CA ASP B 368 -8.16 -16.66 43.27
C ASP B 368 -8.20 -17.72 44.37
N LYS B 369 -7.80 -17.34 45.58
CA LYS B 369 -7.76 -18.27 46.72
C LYS B 369 -9.02 -19.10 46.83
N ALA B 370 -10.14 -18.55 46.37
CA ALA B 370 -11.41 -19.26 46.42
C ALA B 370 -11.36 -20.47 45.50
N ASN B 371 -10.18 -20.77 44.99
CA ASN B 371 -9.99 -21.91 44.09
C ASN B 371 -8.95 -22.86 44.63
N LYS B 372 -7.71 -22.41 44.57
CA LYS B 372 -6.53 -23.16 45.02
C LYS B 372 -6.73 -23.94 46.32
N ALA B 373 -7.78 -23.60 47.06
CA ALA B 373 -8.07 -24.27 48.32
C ALA B 373 -9.56 -24.52 48.49
N VAL B 374 -10.37 -23.57 48.05
CA VAL B 374 -11.82 -23.67 48.16
C VAL B 374 -12.45 -24.60 47.13
N THR B 375 -12.35 -24.22 45.85
CA THR B 375 -12.92 -25.04 44.78
C THR B 375 -12.17 -26.34 44.61
N ASP B 376 -10.98 -26.43 45.21
CA ASP B 376 -10.21 -27.64 45.10
C ASP B 376 -10.91 -28.75 45.87
N LEU B 377 -12.09 -28.43 46.41
CA LEU B 377 -12.90 -29.40 47.13
C LEU B 377 -13.37 -30.36 46.05
N LEU B 378 -14.08 -29.81 45.06
CA LEU B 378 -14.58 -30.59 43.94
C LEU B 378 -13.37 -30.80 43.03
N THR B 379 -12.76 -31.96 43.13
CA THR B 379 -11.56 -32.27 42.34
C THR B 379 -11.40 -33.78 42.11
N GLU B 380 -10.32 -34.35 42.65
CA GLU B 380 -10.07 -35.79 42.51
C GLU B 380 -11.07 -36.61 43.30
N LYS B 381 -11.94 -35.92 44.05
CA LYS B 381 -12.96 -36.59 44.86
C LYS B 381 -14.04 -37.19 43.98
N GLY B 382 -13.64 -37.75 42.85
CA GLY B 382 -14.59 -38.37 41.94
C GLY B 382 -14.17 -38.22 40.49
N ALA B 383 -13.16 -37.38 40.25
CA ALA B 383 -12.68 -37.15 38.89
C ALA B 383 -11.19 -37.43 38.75
N LEU B 384 -10.61 -38.11 39.74
CA LEU B 384 -9.18 -38.45 39.74
C LEU B 384 -8.31 -37.27 39.29
N LEU B 385 -7.69 -36.59 40.25
CA LEU B 385 -6.87 -35.42 39.97
C LEU B 385 -5.40 -35.49 40.36
N LYS B 386 -4.71 -34.38 40.11
CA LYS B 386 -3.29 -34.21 40.41
C LYS B 386 -3.00 -32.71 40.61
N LEU B 387 -3.31 -32.20 41.79
CA LEU B 387 -3.08 -30.78 42.11
C LEU B 387 -1.60 -30.43 42.13
N ASP B 388 -1.14 -29.72 41.12
CA ASP B 388 0.26 -29.32 41.02
C ASP B 388 0.40 -27.81 40.90
N PHE B 389 1.57 -27.30 41.26
CA PHE B 389 1.85 -25.87 41.18
C PHE B 389 2.89 -25.63 40.11
N ILE B 390 2.51 -24.86 39.09
CA ILE B 390 3.41 -24.55 37.99
C ILE B 390 3.50 -23.04 37.76
N THR B 391 4.53 -22.61 37.05
CA THR B 391 4.73 -21.20 36.76
C THR B 391 4.80 -20.98 35.25
N HIS B 392 4.01 -20.01 34.76
CA HIS B 392 3.99 -19.70 33.34
C HIS B 392 3.63 -18.23 33.13
N SER B 393 3.95 -17.70 31.95
CA SER B 393 3.65 -16.31 31.63
C SER B 393 2.13 -16.13 31.57
N TYR B 394 1.65 -15.08 32.23
CA TYR B 394 0.22 -14.83 32.27
C TYR B 394 -0.11 -13.33 32.12
N PRO B 395 -1.24 -13.02 31.46
CA PRO B 395 -1.72 -11.65 31.23
C PRO B 395 -1.89 -10.85 32.52
N HIS B 396 -1.33 -9.65 32.55
CA HIS B 396 -1.40 -8.79 33.72
C HIS B 396 -1.74 -7.35 33.36
N ASP B 397 -2.34 -6.65 34.31
CA ASP B 397 -2.70 -5.24 34.17
C ASP B 397 -1.37 -4.48 34.19
N TRP B 398 -1.01 -3.82 33.09
CA TRP B 398 0.28 -3.13 33.02
C TRP B 398 0.51 -2.02 34.05
N ARG B 399 -0.55 -1.41 34.56
CA ARG B 399 -0.37 -0.36 35.55
C ARG B 399 -0.39 -0.90 36.98
N THR B 400 -1.27 -1.84 37.23
CA THR B 400 -1.43 -2.45 38.55
C THR B 400 -0.54 -3.68 38.77
N LYS B 401 -0.01 -4.22 37.67
CA LYS B 401 0.85 -5.41 37.73
C LYS B 401 0.10 -6.60 38.33
N LYS B 402 -1.22 -6.52 38.36
CA LYS B 402 -2.02 -7.63 38.89
C LYS B 402 -2.60 -8.45 37.75
N PRO B 403 -2.97 -9.71 38.04
CA PRO B 403 -3.54 -10.64 37.06
C PRO B 403 -4.82 -10.16 36.40
N VAL B 404 -4.97 -10.60 35.15
CA VAL B 404 -6.13 -10.30 34.32
C VAL B 404 -6.83 -11.63 34.06
N ILE B 405 -8.15 -11.59 33.84
CA ILE B 405 -8.92 -12.81 33.55
C ILE B 405 -9.87 -12.52 32.38
N PHE B 406 -10.39 -13.57 31.76
CA PHE B 406 -11.35 -13.41 30.66
C PHE B 406 -12.73 -13.41 31.28
N ARG B 407 -13.62 -12.60 30.72
CA ARG B 407 -14.97 -12.49 31.25
C ARG B 407 -15.85 -12.06 30.09
N ALA B 408 -17.04 -12.65 30.00
CA ALA B 408 -17.95 -12.31 28.91
C ALA B 408 -18.57 -10.96 29.19
N THR B 409 -18.52 -10.08 28.18
CA THR B 409 -19.08 -8.74 28.30
C THR B 409 -20.06 -8.45 27.18
N PRO B 410 -21.08 -7.61 27.45
CA PRO B 410 -22.02 -7.34 26.36
C PRO B 410 -21.30 -6.57 25.25
N GLN B 411 -21.47 -7.02 24.01
CA GLN B 411 -20.86 -6.36 22.87
C GLN B 411 -21.86 -6.31 21.71
N TRP B 412 -21.62 -5.42 20.77
CA TRP B 412 -22.47 -5.29 19.61
C TRP B 412 -21.78 -5.90 18.40
N PHE B 413 -22.56 -6.57 17.56
CA PHE B 413 -22.00 -7.22 16.39
C PHE B 413 -22.69 -6.83 15.09
N ALA B 414 -21.96 -7.01 14.00
CA ALA B 414 -22.47 -6.75 12.65
C ALA B 414 -22.58 -8.15 12.06
N SER B 415 -23.73 -8.46 11.50
CA SER B 415 -23.96 -9.78 10.93
C SER B 415 -23.35 -10.03 9.55
N ILE B 416 -22.10 -10.43 9.54
CA ILE B 416 -21.39 -10.71 8.29
C ILE B 416 -22.01 -11.90 7.59
N SER B 417 -22.39 -12.91 8.37
CA SER B 417 -22.97 -14.13 7.85
C SER B 417 -24.21 -13.88 7.00
N LYS B 418 -24.98 -12.86 7.35
CA LYS B 418 -26.19 -12.54 6.61
C LYS B 418 -25.94 -11.77 5.31
N VAL B 419 -24.76 -11.18 5.15
CA VAL B 419 -24.45 -10.44 3.93
C VAL B 419 -23.27 -11.06 3.17
N ARG B 420 -22.72 -12.14 3.73
CA ARG B 420 -21.55 -12.81 3.16
C ARG B 420 -21.61 -13.07 1.65
N GLN B 421 -22.59 -13.86 1.23
CA GLN B 421 -22.72 -14.19 -0.17
C GLN B 421 -22.85 -12.93 -1.01
N ASP B 422 -23.46 -11.89 -0.43
CA ASP B 422 -23.61 -10.63 -1.14
C ASP B 422 -22.27 -9.94 -1.34
N ILE B 423 -21.38 -10.04 -0.36
CA ILE B 423 -20.07 -9.42 -0.49
C ILE B 423 -19.22 -10.25 -1.46
N LEU B 424 -19.33 -11.56 -1.37
CA LEU B 424 -18.60 -12.47 -2.25
C LEU B 424 -18.92 -12.15 -3.70
N ASP B 425 -20.21 -12.00 -4.00
CA ASP B 425 -20.62 -11.71 -5.36
C ASP B 425 -20.14 -10.35 -5.86
N ALA B 426 -20.11 -9.36 -4.96
CA ALA B 426 -19.66 -8.03 -5.34
C ALA B 426 -18.18 -8.06 -5.65
N ILE B 427 -17.46 -8.97 -4.98
CA ILE B 427 -16.04 -9.11 -5.18
C ILE B 427 -15.81 -9.74 -6.56
N GLU B 428 -16.60 -10.76 -6.87
CA GLU B 428 -16.50 -11.45 -8.15
C GLU B 428 -16.69 -10.44 -9.28
N ASN B 429 -17.54 -9.45 -9.07
CA ASN B 429 -17.79 -8.42 -10.09
C ASN B 429 -16.83 -7.24 -10.01
N THR B 430 -15.82 -7.35 -9.15
CA THR B 430 -14.83 -6.28 -8.97
C THR B 430 -13.57 -6.52 -9.80
N ASN B 431 -13.08 -5.49 -10.47
CA ASN B 431 -11.88 -5.64 -11.27
C ASN B 431 -10.63 -5.50 -10.42
N PHE B 432 -9.61 -6.27 -10.79
CA PHE B 432 -8.33 -6.26 -10.10
C PHE B 432 -7.21 -6.21 -11.12
N LYS B 433 -6.06 -5.71 -10.67
CA LYS B 433 -4.88 -5.63 -11.52
C LYS B 433 -4.35 -7.05 -11.66
N VAL B 434 -4.34 -7.77 -10.54
CA VAL B 434 -3.84 -9.13 -10.50
C VAL B 434 -4.86 -10.08 -9.86
N ASN B 435 -5.04 -11.25 -10.45
CA ASN B 435 -6.01 -12.22 -9.94
C ASN B 435 -5.92 -12.68 -8.48
N TRP B 436 -4.72 -12.76 -7.92
CA TRP B 436 -4.63 -13.21 -6.53
C TRP B 436 -5.25 -12.19 -5.58
N GLY B 437 -5.38 -10.94 -6.05
CA GLY B 437 -5.97 -9.92 -5.21
C GLY B 437 -7.42 -10.26 -4.93
N LYS B 438 -8.07 -10.78 -5.96
CA LYS B 438 -9.46 -11.19 -5.89
C LYS B 438 -9.58 -12.41 -4.97
N THR B 439 -8.63 -13.33 -5.09
CA THR B 439 -8.65 -14.53 -4.27
C THR B 439 -8.43 -14.26 -2.80
N ARG B 440 -7.48 -13.38 -2.51
CA ARG B 440 -7.16 -13.07 -1.13
C ARG B 440 -8.31 -12.54 -0.32
N ILE B 441 -8.96 -11.50 -0.82
CA ILE B 441 -10.09 -10.89 -0.13
C ILE B 441 -11.34 -11.79 -0.20
N TYR B 442 -11.41 -12.63 -1.23
CA TYR B 442 -12.55 -13.52 -1.36
C TYR B 442 -12.55 -14.49 -0.17
N ASN B 443 -11.48 -15.28 -0.03
CA ASN B 443 -11.37 -16.23 1.06
C ASN B 443 -11.52 -15.48 2.39
N MET B 444 -11.08 -14.23 2.39
CA MET B 444 -11.17 -13.39 3.58
C MET B 444 -12.63 -13.33 4.04
N VAL B 445 -13.49 -12.75 3.19
CA VAL B 445 -14.90 -12.62 3.52
C VAL B 445 -15.60 -13.97 3.72
N ARG B 446 -15.09 -15.00 3.07
CA ARG B 446 -15.68 -16.31 3.19
C ARG B 446 -15.45 -16.90 4.58
N ASP B 447 -14.21 -16.87 5.06
CA ASP B 447 -13.89 -17.44 6.36
C ASP B 447 -14.03 -16.47 7.54
N ARG B 448 -14.61 -15.31 7.28
CA ARG B 448 -14.78 -14.30 8.31
C ARG B 448 -15.92 -14.54 9.31
N GLY B 449 -15.59 -14.44 10.60
CA GLY B 449 -16.58 -14.59 11.64
C GLY B 449 -17.29 -13.26 11.84
N GLU B 450 -18.23 -13.21 12.78
CA GLU B 450 -18.98 -11.97 13.06
C GLU B 450 -18.10 -10.78 13.46
N TRP B 451 -18.51 -9.59 13.07
CA TRP B 451 -17.78 -8.35 13.33
C TRP B 451 -18.14 -7.67 14.65
N VAL B 452 -17.23 -7.65 15.61
CA VAL B 452 -17.48 -6.96 16.88
C VAL B 452 -17.27 -5.49 16.55
N ILE B 453 -18.33 -4.70 16.64
CA ILE B 453 -18.25 -3.28 16.31
C ILE B 453 -18.22 -2.33 17.49
N SER B 454 -18.26 -2.85 18.71
CA SER B 454 -18.26 -1.96 19.86
C SER B 454 -16.98 -1.99 20.68
N ARG B 455 -16.69 -0.84 21.28
CA ARG B 455 -15.53 -0.68 22.15
C ARG B 455 -15.97 0.15 23.34
N GLN B 456 -15.47 -0.19 24.52
CA GLN B 456 -15.82 0.55 25.71
C GLN B 456 -14.76 1.64 25.93
N ARG B 457 -14.79 2.66 25.08
CA ARG B 457 -13.85 3.79 25.12
C ARG B 457 -14.66 5.02 24.80
N VAL B 458 -14.07 6.20 24.91
CA VAL B 458 -14.79 7.44 24.64
C VAL B 458 -14.40 8.15 23.34
N TRP B 459 -13.18 7.97 22.86
CA TRP B 459 -12.76 8.68 21.65
C TRP B 459 -13.21 7.98 20.37
N GLY B 460 -14.45 8.25 19.96
CA GLY B 460 -15.01 7.65 18.77
C GLY B 460 -16.48 7.99 18.56
N VAL B 461 -17.10 7.35 17.56
CA VAL B 461 -18.50 7.59 17.25
C VAL B 461 -19.37 6.66 18.10
N PRO B 462 -20.31 7.22 18.86
CA PRO B 462 -21.20 6.45 19.72
C PRO B 462 -22.16 5.58 18.94
N LEU B 463 -22.51 4.42 19.49
CA LEU B 463 -23.49 3.59 18.81
C LEU B 463 -24.78 4.30 19.17
N PRO B 464 -25.52 4.80 18.16
CA PRO B 464 -26.78 5.53 18.39
C PRO B 464 -27.89 4.64 18.93
N VAL B 465 -27.69 4.11 20.13
CA VAL B 465 -28.69 3.23 20.74
C VAL B 465 -29.20 3.79 22.08
N PHE B 466 -30.50 3.67 22.31
CA PHE B 466 -31.11 4.14 23.55
C PHE B 466 -31.78 2.95 24.25
N TYR B 467 -31.86 3.00 25.57
CA TYR B 467 -32.51 1.93 26.32
C TYR B 467 -33.75 2.39 27.06
N ALA B 468 -34.79 1.57 27.02
CA ALA B 468 -36.03 1.87 27.71
C ALA B 468 -36.12 0.91 28.87
N GLU B 469 -36.05 1.41 30.10
CA GLU B 469 -36.15 0.51 31.24
C GLU B 469 -37.47 -0.22 31.13
N ASN B 470 -37.40 -1.55 31.19
CA ASN B 470 -38.55 -2.44 31.08
C ASN B 470 -37.97 -3.61 30.32
N GLY B 471 -36.93 -3.27 29.57
CA GLY B 471 -36.22 -4.23 28.75
C GLY B 471 -35.05 -3.46 28.18
N GLU B 472 -35.18 -2.95 26.96
CA GLU B 472 -34.05 -2.22 26.40
C GLU B 472 -34.14 -1.59 25.00
N ILE B 473 -33.23 -2.05 24.15
CA ILE B 473 -33.01 -1.61 22.78
C ILE B 473 -34.01 -0.80 21.98
N ILE B 474 -33.70 0.48 21.86
CA ILE B 474 -34.46 1.43 21.06
C ILE B 474 -33.47 1.80 19.96
N MET B 475 -33.72 1.27 18.77
CA MET B 475 -32.84 1.48 17.64
C MET B 475 -33.66 1.41 16.37
N THR B 476 -34.45 2.46 16.15
CA THR B 476 -35.32 2.54 14.99
C THR B 476 -34.81 3.58 14.00
N LYS B 477 -35.42 3.61 12.82
CA LYS B 477 -35.03 4.58 11.82
C LYS B 477 -35.17 5.98 12.39
N GLU B 478 -36.32 6.26 13.02
CA GLU B 478 -36.57 7.57 13.60
C GLU B 478 -35.49 8.00 14.60
N THR B 479 -35.16 7.11 15.54
CA THR B 479 -34.16 7.44 16.56
C THR B 479 -32.75 7.59 15.99
N VAL B 480 -32.32 6.66 15.15
CA VAL B 480 -30.99 6.74 14.56
C VAL B 480 -30.84 7.96 13.66
N ASN B 481 -31.82 8.20 12.81
CA ASN B 481 -31.72 9.35 11.92
C ASN B 481 -31.81 10.70 12.64
N HIS B 482 -32.42 10.74 13.81
CA HIS B 482 -32.49 12.00 14.55
C HIS B 482 -31.13 12.22 15.19
N VAL B 483 -30.52 11.12 15.60
CA VAL B 483 -29.18 11.21 16.19
C VAL B 483 -28.23 11.66 15.08
N ALA B 484 -28.45 11.17 13.86
CA ALA B 484 -27.61 11.53 12.72
C ALA B 484 -27.78 13.04 12.50
N ASP B 485 -29.01 13.50 12.58
CA ASP B 485 -29.31 14.91 12.41
C ASP B 485 -28.51 15.76 13.39
N LEU B 486 -28.57 15.40 14.66
CA LEU B 486 -27.84 16.16 15.68
C LEU B 486 -26.34 16.10 15.42
N PHE B 487 -25.82 14.91 15.12
CA PHE B 487 -24.38 14.76 14.86
C PHE B 487 -23.94 15.61 13.68
N ALA B 488 -24.79 15.69 12.66
CA ALA B 488 -24.46 16.44 11.46
C ALA B 488 -24.28 17.90 11.78
N GLU B 489 -25.03 18.36 12.79
CA GLU B 489 -25.00 19.76 13.19
C GLU B 489 -24.03 20.05 14.33
N HIS B 490 -23.98 19.16 15.32
CA HIS B 490 -23.12 19.36 16.48
C HIS B 490 -21.90 18.45 16.57
N GLY B 491 -21.88 17.38 15.78
CA GLY B 491 -20.77 16.45 15.84
C GLY B 491 -21.09 15.42 16.91
N SER B 492 -20.24 14.40 17.06
CA SER B 492 -20.49 13.35 18.04
C SER B 492 -20.42 13.78 19.52
N ASN B 493 -19.72 14.87 19.82
CA ASN B 493 -19.58 15.36 21.19
C ASN B 493 -20.95 15.57 21.84
N ILE B 494 -21.95 15.87 21.02
CA ILE B 494 -23.30 16.10 21.51
C ILE B 494 -23.77 14.93 22.40
N TRP B 495 -23.42 13.72 22.00
CA TRP B 495 -23.81 12.51 22.73
C TRP B 495 -23.31 12.52 24.16
N PHE B 496 -22.07 12.99 24.37
CA PHE B 496 -21.52 13.00 25.72
C PHE B 496 -21.90 14.22 26.53
N GLU B 497 -22.48 15.21 25.86
CA GLU B 497 -22.89 16.44 26.53
C GLU B 497 -24.35 16.38 26.97
N ARG B 498 -25.17 15.67 26.20
CA ARG B 498 -26.59 15.59 26.50
C ARG B 498 -27.12 14.35 27.20
N GLU B 499 -28.30 14.51 27.78
CA GLU B 499 -28.99 13.44 28.48
C GLU B 499 -29.71 12.67 27.37
N ALA B 500 -30.15 11.46 27.67
CA ALA B 500 -30.83 10.63 26.69
C ALA B 500 -32.04 11.30 26.03
N LYS B 501 -32.93 11.90 26.81
CA LYS B 501 -34.13 12.53 26.26
C LYS B 501 -33.82 13.73 25.38
N ASP B 502 -32.62 14.27 25.52
CA ASP B 502 -32.23 15.39 24.70
C ASP B 502 -31.71 14.88 23.35
N LEU B 503 -31.32 13.61 23.31
CA LEU B 503 -30.80 12.99 22.10
C LEU B 503 -31.91 12.30 21.31
N LEU B 504 -33.08 12.23 21.93
CA LEU B 504 -34.24 11.60 21.31
C LEU B 504 -35.09 12.67 20.66
N PRO B 505 -35.94 12.26 19.69
CA PRO B 505 -36.84 13.13 18.93
C PRO B 505 -37.83 13.99 19.71
N GLU B 506 -38.89 14.36 19.02
CA GLU B 506 -39.97 15.19 19.55
C GLU B 506 -40.64 14.54 20.75
N GLY B 507 -40.29 14.99 21.96
CA GLY B 507 -40.88 14.43 23.17
C GLY B 507 -41.15 12.93 23.10
N PHE B 508 -40.31 12.22 22.36
CA PHE B 508 -40.38 10.77 22.16
C PHE B 508 -41.02 9.96 23.28
N THR B 509 -41.68 8.86 22.90
CA THR B 509 -42.32 7.95 23.86
C THR B 509 -42.19 6.51 23.37
N HIS B 510 -42.23 5.57 24.31
CA HIS B 510 -42.13 4.15 23.99
C HIS B 510 -42.84 3.35 25.08
N PRO B 511 -43.40 2.18 24.74
CA PRO B 511 -44.10 1.35 25.73
C PRO B 511 -43.28 1.18 26.99
N GLY B 512 -41.96 1.07 26.82
CA GLY B 512 -41.07 0.91 27.96
C GLY B 512 -41.09 2.20 28.75
N SER B 513 -40.58 2.13 29.98
CA SER B 513 -40.56 3.29 30.88
C SER B 513 -41.85 4.09 30.80
N PRO B 514 -42.85 3.71 31.60
CA PRO B 514 -44.14 4.40 31.61
C PRO B 514 -43.94 5.85 32.05
N ASN B 515 -42.74 6.14 32.56
CA ASN B 515 -42.43 7.47 33.05
C ASN B 515 -41.58 8.31 32.11
N GLY B 516 -41.68 8.05 30.81
CA GLY B 516 -40.96 8.80 29.81
C GLY B 516 -39.46 9.00 30.00
N THR B 517 -38.83 8.11 30.76
CA THR B 517 -37.40 8.19 31.01
C THR B 517 -36.64 7.24 30.09
N PHE B 518 -35.39 7.58 29.78
CA PHE B 518 -34.58 6.75 28.90
C PHE B 518 -33.11 6.71 29.26
N THR B 519 -32.45 5.65 28.82
CA THR B 519 -31.03 5.44 29.05
C THR B 519 -30.36 5.40 27.66
N LYS B 520 -29.05 5.65 27.61
CA LYS B 520 -28.35 5.64 26.35
C LYS B 520 -27.11 4.76 26.38
N GLU B 521 -26.76 4.19 25.24
CA GLU B 521 -25.59 3.34 25.13
C GLU B 521 -24.35 4.22 25.29
N THR B 522 -23.23 3.63 25.71
CA THR B 522 -22.01 4.38 25.92
C THR B 522 -20.85 3.94 25.02
N ASP B 523 -20.98 2.76 24.42
CA ASP B 523 -19.94 2.22 23.55
C ASP B 523 -19.72 3.08 22.32
N ILE B 524 -18.53 2.99 21.74
CA ILE B 524 -18.24 3.72 20.52
C ILE B 524 -17.98 2.67 19.44
N MET B 525 -17.86 3.12 18.19
CA MET B 525 -17.64 2.16 17.15
C MET B 525 -16.17 1.93 16.88
N ASP B 526 -15.88 0.72 16.43
CA ASP B 526 -14.55 0.29 16.08
C ASP B 526 -14.08 1.22 14.94
N VAL B 527 -12.83 1.68 15.00
CA VAL B 527 -12.31 2.58 13.99
C VAL B 527 -12.39 2.05 12.56
N TRP B 528 -12.32 0.73 12.40
CA TRP B 528 -12.44 0.16 11.06
C TRP B 528 -13.80 0.56 10.52
N PHE B 529 -14.79 0.69 11.41
CA PHE B 529 -16.13 1.08 10.96
C PHE B 529 -16.03 2.52 10.47
N ASP B 530 -15.33 3.37 11.22
CA ASP B 530 -15.13 4.78 10.85
C ASP B 530 -14.61 4.95 9.42
N SER B 531 -13.46 4.35 9.15
CA SER B 531 -12.86 4.47 7.82
C SER B 531 -13.69 3.70 6.81
N GLY B 532 -14.19 2.56 7.25
CA GLY B 532 -15.00 1.74 6.37
C GLY B 532 -16.22 2.46 5.83
N SER B 533 -16.60 3.59 6.42
CA SER B 533 -17.79 4.31 5.95
C SER B 533 -17.40 5.53 5.16
N SER B 534 -16.13 5.61 4.79
CA SER B 534 -15.59 6.74 4.06
C SER B 534 -16.25 6.93 2.70
N HIS B 535 -16.77 5.85 2.14
CA HIS B 535 -17.41 5.90 0.84
C HIS B 535 -18.75 6.61 0.94
N ARG B 536 -19.27 6.64 2.15
CA ARG B 536 -20.56 7.28 2.40
C ARG B 536 -20.30 8.71 2.82
N GLY B 537 -19.52 8.86 3.89
CA GLY B 537 -19.17 10.17 4.42
C GLY B 537 -18.40 11.09 3.49
N VAL B 538 -17.80 10.57 2.42
CA VAL B 538 -17.08 11.45 1.52
C VAL B 538 -17.46 11.28 0.05
N LEU B 539 -17.36 10.06 -0.48
CA LEU B 539 -17.71 9.87 -1.88
C LEU B 539 -19.16 10.34 -2.18
N GLU B 540 -20.12 9.91 -1.37
CA GLU B 540 -21.51 10.32 -1.61
C GLU B 540 -21.83 11.75 -1.15
N THR B 541 -21.17 12.20 -0.09
CA THR B 541 -21.43 13.54 0.43
C THR B 541 -20.83 14.72 -0.35
N ARG B 542 -19.54 14.65 -0.70
CA ARG B 542 -18.90 15.75 -1.41
C ARG B 542 -19.29 15.94 -2.89
N PRO B 543 -19.56 17.19 -3.29
CA PRO B 543 -19.96 17.58 -4.64
C PRO B 543 -19.07 17.08 -5.78
N GLU B 544 -17.76 17.25 -5.62
CA GLU B 544 -16.80 16.82 -6.65
C GLU B 544 -16.65 15.31 -6.83
N LEU B 545 -17.17 14.52 -5.90
CA LEU B 545 -17.03 13.07 -6.01
C LEU B 545 -18.31 12.30 -6.37
N SER B 546 -18.19 11.01 -6.62
CA SER B 546 -19.31 10.13 -6.98
C SER B 546 -19.13 8.77 -6.29
N PHE B 547 -20.15 8.34 -5.56
CA PHE B 547 -20.08 7.10 -4.79
C PHE B 547 -19.23 5.96 -5.30
N PRO B 548 -19.65 5.31 -6.40
CA PRO B 548 -18.77 4.23 -6.84
C PRO B 548 -17.44 4.82 -7.29
N ALA B 549 -16.37 4.55 -6.55
CA ALA B 549 -15.05 5.07 -6.90
C ALA B 549 -14.40 4.17 -7.94
N ASP B 550 -13.73 4.79 -8.91
CA ASP B 550 -13.07 4.03 -9.97
C ASP B 550 -12.04 3.10 -9.34
N MET B 551 -11.47 3.50 -8.21
CA MET B 551 -10.53 2.61 -7.55
C MET B 551 -10.09 3.02 -6.16
N TYR B 552 -9.66 2.00 -5.42
CA TYR B 552 -9.11 2.13 -4.09
C TYR B 552 -7.69 1.58 -4.32
N LEU B 553 -6.70 2.20 -3.68
CA LEU B 553 -5.31 1.77 -3.80
C LEU B 553 -4.64 1.89 -2.44
N GLU B 554 -4.27 0.76 -1.84
CA GLU B 554 -3.61 0.76 -0.53
C GLU B 554 -2.70 -0.46 -0.37
N GLY B 555 -2.07 -0.55 0.79
CA GLY B 555 -1.16 -1.65 1.10
C GLY B 555 -1.88 -2.98 1.31
N SER B 556 -1.09 -4.06 1.27
CA SER B 556 -1.58 -5.43 1.40
C SER B 556 -2.31 -5.75 2.69
N ASP B 557 -2.03 -4.99 3.73
CA ASP B 557 -2.67 -5.18 5.03
C ASP B 557 -4.11 -4.68 5.00
N GLN B 558 -4.47 -3.96 3.93
CA GLN B 558 -5.83 -3.46 3.84
C GLN B 558 -6.83 -4.51 3.34
N TYR B 559 -6.36 -5.68 2.93
CA TYR B 559 -7.29 -6.71 2.48
C TYR B 559 -8.11 -7.17 3.69
N ARG B 560 -7.50 -7.08 4.87
CA ARG B 560 -8.13 -7.43 6.12
C ARG B 560 -8.63 -6.12 6.73
N GLY B 561 -8.08 -5.02 6.24
CA GLY B 561 -8.45 -3.71 6.75
C GLY B 561 -9.50 -2.91 6.01
N TRP B 562 -9.11 -1.74 5.52
CA TRP B 562 -10.03 -0.83 4.85
C TRP B 562 -10.76 -1.40 3.64
N PHE B 563 -10.11 -2.27 2.89
CA PHE B 563 -10.75 -2.86 1.71
C PHE B 563 -11.96 -3.67 2.17
N ASN B 564 -11.74 -4.41 3.24
CA ASN B 564 -12.74 -5.29 3.84
C ASN B 564 -13.90 -4.54 4.53
N SER B 565 -13.60 -3.66 5.48
CA SER B 565 -14.66 -2.94 6.17
C SER B 565 -15.44 -2.01 5.24
N SER B 566 -14.80 -1.56 4.18
CA SER B 566 -15.46 -0.67 3.23
C SER B 566 -16.43 -1.41 2.32
N ILE B 567 -16.06 -2.60 1.89
CA ILE B 567 -16.95 -3.33 1.01
C ILE B 567 -18.08 -3.95 1.82
N THR B 568 -17.76 -4.37 3.04
CA THR B 568 -18.76 -4.99 3.90
C THR B 568 -19.86 -4.01 4.18
N THR B 569 -19.45 -2.79 4.51
CA THR B 569 -20.39 -1.74 4.83
C THR B 569 -21.17 -1.23 3.61
N SER B 570 -20.48 -1.10 2.48
CA SER B 570 -21.11 -0.63 1.24
C SER B 570 -22.10 -1.65 0.67
N VAL B 571 -21.75 -2.92 0.72
CA VAL B 571 -22.65 -3.95 0.20
C VAL B 571 -23.89 -4.03 1.09
N ALA B 572 -23.69 -3.99 2.39
CA ALA B 572 -24.78 -4.06 3.34
C ALA B 572 -25.84 -3.00 3.08
N THR B 573 -25.39 -1.79 2.78
CA THR B 573 -26.30 -0.66 2.59
C THR B 573 -26.55 -0.25 1.14
N ARG B 574 -25.66 -0.62 0.24
CA ARG B 574 -25.82 -0.23 -1.16
C ARG B 574 -25.92 -1.39 -2.13
N GLY B 575 -25.48 -2.57 -1.70
CA GLY B 575 -25.53 -3.73 -2.56
C GLY B 575 -24.44 -3.79 -3.60
N VAL B 576 -23.52 -2.83 -3.57
CA VAL B 576 -22.39 -2.81 -4.52
C VAL B 576 -21.07 -2.48 -3.86
N SER B 577 -19.98 -2.87 -4.50
CA SER B 577 -18.63 -2.59 -4.02
C SER B 577 -18.42 -1.07 -4.11
N PRO B 578 -17.70 -0.49 -3.15
CA PRO B 578 -17.49 0.96 -3.26
C PRO B 578 -16.38 1.28 -4.26
N TYR B 579 -15.80 0.23 -4.85
CA TYR B 579 -14.74 0.43 -5.83
C TYR B 579 -14.84 -0.53 -7.00
N LYS B 580 -14.80 0.06 -8.19
CA LYS B 580 -14.87 -0.69 -9.44
C LYS B 580 -13.57 -1.43 -9.69
N PHE B 581 -12.48 -0.88 -9.15
CA PHE B 581 -11.16 -1.47 -9.34
C PHE B 581 -10.38 -1.44 -8.05
N LEU B 582 -9.75 -2.56 -7.72
CA LEU B 582 -8.96 -2.64 -6.50
C LEU B 582 -7.50 -2.92 -6.83
N LEU B 583 -6.65 -1.97 -6.52
CA LEU B 583 -5.21 -2.10 -6.74
C LEU B 583 -4.50 -2.00 -5.39
N SER B 584 -3.61 -2.95 -5.13
CA SER B 584 -2.87 -2.99 -3.87
C SER B 584 -1.36 -3.07 -4.11
N HIS B 585 -0.59 -2.59 -3.14
CA HIS B 585 0.86 -2.65 -3.29
C HIS B 585 1.43 -3.33 -2.06
N GLY B 586 2.72 -3.65 -2.11
CA GLY B 586 3.34 -4.33 -0.99
C GLY B 586 3.92 -3.33 -0.02
N PHE B 587 4.68 -3.84 0.95
CA PHE B 587 5.33 -3.01 1.95
C PHE B 587 6.76 -2.71 1.53
N VAL B 588 7.35 -1.70 2.17
CA VAL B 588 8.71 -1.31 1.88
C VAL B 588 9.68 -2.05 2.78
N MET B 589 10.59 -2.81 2.17
CA MET B 589 11.60 -3.57 2.91
C MET B 589 12.96 -2.90 2.75
N ASP B 590 13.95 -3.43 3.48
CA ASP B 590 15.30 -2.90 3.37
C ASP B 590 15.92 -3.52 2.11
N GLY B 591 17.22 -3.36 1.93
CA GLY B 591 17.90 -3.87 0.75
C GLY B 591 17.85 -5.37 0.59
N GLU B 592 17.71 -6.09 1.69
CA GLU B 592 17.68 -7.54 1.62
C GLU B 592 16.25 -8.07 1.53
N GLY B 593 15.28 -7.19 1.56
CA GLY B 593 13.90 -7.62 1.50
C GLY B 593 13.38 -7.97 2.89
N LYS B 594 14.12 -7.54 3.91
CA LYS B 594 13.76 -7.80 5.30
C LYS B 594 13.16 -6.56 5.97
N LYS B 595 12.29 -6.78 6.94
CA LYS B 595 11.62 -5.69 7.64
C LYS B 595 12.54 -4.62 8.22
N MET B 596 12.16 -3.37 8.01
CA MET B 596 12.94 -2.27 8.55
C MET B 596 12.60 -2.28 10.04
N SER B 597 13.61 -2.16 10.87
CA SER B 597 13.42 -2.22 12.31
C SER B 597 13.77 -0.93 13.06
N LYS B 598 15.04 -0.80 13.44
CA LYS B 598 15.56 0.35 14.19
C LYS B 598 16.66 -0.24 15.05
N SER B 599 16.39 -1.42 15.60
CA SER B 599 17.38 -2.10 16.39
C SER B 599 18.39 -2.60 15.36
N LEU B 600 17.95 -2.67 14.11
CA LEU B 600 18.80 -3.14 13.01
C LEU B 600 19.41 -1.99 12.19
N GLY B 601 18.87 -0.79 12.37
CA GLY B 601 19.39 0.37 11.65
C GLY B 601 19.23 0.35 10.14
N ASN B 602 18.16 -0.27 9.64
CA ASN B 602 17.91 -0.33 8.20
C ASN B 602 16.59 0.37 7.86
N VAL B 603 16.26 1.43 8.60
CA VAL B 603 14.99 2.10 8.38
C VAL B 603 14.84 3.00 7.14
N ILE B 604 15.41 4.20 7.17
CA ILE B 604 15.20 5.09 6.02
C ILE B 604 13.76 5.56 6.07
N VAL B 605 13.61 6.86 6.26
CA VAL B 605 12.33 7.52 6.38
C VAL B 605 12.13 8.53 5.25
N PRO B 606 10.87 8.76 4.83
CA PRO B 606 10.53 9.69 3.75
C PRO B 606 11.13 11.08 3.97
N ASP B 607 10.94 11.61 5.16
CA ASP B 607 11.47 12.93 5.49
C ASP B 607 12.96 13.05 5.14
N GLN B 608 13.72 11.99 5.37
CA GLN B 608 15.14 12.02 5.07
C GLN B 608 15.46 11.94 3.59
N VAL B 609 14.71 11.13 2.84
CA VAL B 609 14.96 11.04 1.41
C VAL B 609 14.72 12.41 0.79
N VAL B 610 13.64 13.06 1.20
CA VAL B 610 13.29 14.36 0.67
C VAL B 610 14.33 15.44 0.97
N LYS B 611 14.66 15.61 2.26
CA LYS B 611 15.64 16.60 2.69
C LYS B 611 17.02 16.37 2.09
N GLN B 612 17.50 15.13 2.14
CA GLN B 612 18.82 14.78 1.64
C GLN B 612 18.95 14.69 0.12
N LYS B 613 17.93 14.13 -0.54
CA LYS B 613 18.03 13.99 -1.96
C LYS B 613 16.98 14.71 -2.79
N GLY B 614 15.74 14.74 -2.30
CA GLY B 614 14.70 15.43 -3.04
C GLY B 614 13.47 14.58 -3.21
N ALA B 615 12.34 15.25 -3.38
CA ALA B 615 11.09 14.55 -3.56
C ALA B 615 11.12 13.84 -4.92
N ASP B 616 11.70 14.48 -5.94
CA ASP B 616 11.76 13.86 -7.26
C ASP B 616 12.54 12.55 -7.23
N ILE B 617 13.48 12.45 -6.30
CA ILE B 617 14.24 11.22 -6.18
C ILE B 617 13.39 10.15 -5.50
N ALA B 618 12.64 10.51 -4.46
CA ALA B 618 11.78 9.51 -3.80
C ALA B 618 10.77 8.97 -4.81
N ARG B 619 10.29 9.87 -5.69
CA ARG B 619 9.32 9.49 -6.71
C ARG B 619 9.91 8.56 -7.79
N LEU B 620 11.07 8.90 -8.32
CA LEU B 620 11.67 8.06 -9.35
C LEU B 620 11.92 6.66 -8.78
N TRP B 621 12.25 6.59 -7.49
CA TRP B 621 12.48 5.32 -6.82
C TRP B 621 11.17 4.53 -6.88
N VAL B 622 10.06 5.17 -6.51
CA VAL B 622 8.77 4.49 -6.54
C VAL B 622 8.51 3.89 -7.92
N SER B 623 8.64 4.71 -8.97
CA SER B 623 8.39 4.25 -10.33
C SER B 623 9.27 3.07 -10.75
N SER B 624 10.39 2.88 -10.05
CA SER B 624 11.32 1.80 -10.37
C SER B 624 11.08 0.51 -9.60
N THR B 625 10.13 0.50 -8.67
CA THR B 625 9.86 -0.70 -7.85
C THR B 625 8.70 -1.53 -8.39
N ASP B 626 8.74 -2.84 -8.21
CA ASP B 626 7.63 -3.68 -8.64
C ASP B 626 6.70 -3.72 -7.43
N TYR B 627 5.89 -2.69 -7.33
CA TYR B 627 4.98 -2.49 -6.21
C TYR B 627 3.89 -3.53 -5.97
N LEU B 628 3.63 -4.40 -6.93
CA LEU B 628 2.61 -5.42 -6.73
C LEU B 628 3.09 -6.39 -5.67
N ALA B 629 4.38 -6.37 -5.38
CA ALA B 629 4.95 -7.24 -4.35
C ALA B 629 5.63 -6.29 -3.36
N ASP B 630 6.47 -6.82 -2.49
CA ASP B 630 7.17 -5.92 -1.56
C ASP B 630 8.26 -5.19 -2.33
N VAL B 631 8.58 -3.98 -1.90
CA VAL B 631 9.60 -3.21 -2.58
C VAL B 631 10.77 -3.04 -1.64
N ARG B 632 11.91 -2.64 -2.18
CA ARG B 632 13.12 -2.50 -1.38
C ARG B 632 13.81 -1.15 -1.54
N ILE B 633 14.25 -0.59 -0.43
CA ILE B 633 14.94 0.68 -0.42
C ILE B 633 16.16 0.59 0.49
N SER B 634 17.22 1.28 0.11
CA SER B 634 18.49 1.31 0.86
C SER B 634 19.33 2.44 0.28
N ASP B 635 20.49 2.66 0.87
CA ASP B 635 21.36 3.72 0.39
C ASP B 635 21.96 3.36 -0.96
N GLU B 636 22.26 2.09 -1.18
CA GLU B 636 22.82 1.71 -2.48
C GLU B 636 21.71 1.83 -3.53
N ILE B 637 20.50 1.44 -3.16
CA ILE B 637 19.37 1.53 -4.09
C ILE B 637 19.12 2.98 -4.51
N LEU B 638 19.10 3.89 -3.54
CA LEU B 638 18.89 5.30 -3.83
C LEU B 638 20.05 5.97 -4.57
N LYS B 639 21.28 5.51 -4.32
CA LYS B 639 22.41 6.07 -5.05
C LYS B 639 22.12 5.80 -6.54
N GLN B 640 21.57 4.62 -6.82
CA GLN B 640 21.19 4.26 -8.18
C GLN B 640 20.15 5.27 -8.69
N THR B 641 19.10 5.46 -7.89
CA THR B 641 18.04 6.37 -8.26
C THR B 641 18.65 7.73 -8.59
N SER B 642 19.57 8.17 -7.75
CA SER B 642 20.26 9.45 -7.94
C SER B 642 21.01 9.49 -9.27
N ASP B 643 21.66 8.39 -9.61
CA ASP B 643 22.41 8.30 -10.86
C ASP B 643 21.52 8.33 -12.10
N ASP B 644 20.34 7.73 -12.02
CA ASP B 644 19.44 7.75 -13.17
C ASP B 644 18.86 9.13 -13.27
N TYR B 645 18.52 9.70 -12.12
CA TYR B 645 17.95 11.04 -12.12
C TYR B 645 18.94 12.01 -12.75
N ARG B 646 20.21 11.92 -12.37
CA ARG B 646 21.21 12.83 -12.92
C ARG B 646 21.31 12.67 -14.42
N LYS B 647 21.19 11.45 -14.91
CA LYS B 647 21.28 11.23 -16.35
C LYS B 647 20.07 11.79 -17.09
N ILE B 648 18.89 11.65 -16.52
CA ILE B 648 17.69 12.19 -17.15
C ILE B 648 17.79 13.71 -17.20
N ARG B 649 18.11 14.30 -16.06
CA ARG B 649 18.26 15.74 -15.93
C ARG B 649 19.30 16.29 -16.89
N ASN B 650 20.48 15.68 -16.88
CA ASN B 650 21.56 16.15 -17.74
C ASN B 650 21.19 16.07 -19.23
N THR B 651 20.51 15.00 -19.63
CA THR B 651 20.13 14.85 -21.03
C THR B 651 19.15 15.97 -21.39
N LEU B 652 18.17 16.20 -20.53
CA LEU B 652 17.19 17.26 -20.76
C LEU B 652 17.90 18.61 -20.85
N ARG B 653 18.96 18.79 -20.06
CA ARG B 653 19.72 20.03 -20.06
C ARG B 653 20.37 20.28 -21.46
N PHE B 654 21.02 19.26 -22.01
CA PHE B 654 21.67 19.41 -23.33
C PHE B 654 20.68 19.76 -24.43
N MET B 655 19.53 19.08 -24.45
CA MET B 655 18.52 19.38 -25.45
C MET B 655 18.02 20.81 -25.27
N LEU B 656 17.81 21.22 -24.03
CA LEU B 656 17.37 22.57 -23.71
C LEU B 656 18.33 23.61 -24.26
N GLY B 657 19.62 23.41 -24.01
CA GLY B 657 20.60 24.35 -24.47
C GLY B 657 20.73 24.43 -25.98
N ASN B 658 20.27 23.40 -26.68
CA ASN B 658 20.39 23.41 -28.14
C ASN B 658 19.11 23.77 -28.91
N ILE B 659 18.09 24.24 -28.20
CA ILE B 659 16.87 24.68 -28.88
C ILE B 659 16.51 26.05 -28.32
N ASN B 660 17.47 26.63 -27.61
CA ASN B 660 17.38 27.95 -27.00
C ASN B 660 17.14 29.04 -28.06
N ASP B 661 17.65 28.83 -29.27
CA ASP B 661 17.48 29.81 -30.33
C ASP B 661 16.48 29.33 -31.38
N PHE B 662 15.71 28.30 -31.03
CA PHE B 662 14.74 27.75 -31.95
C PHE B 662 13.33 28.23 -31.63
N ASN B 663 12.68 28.84 -32.62
CA ASN B 663 11.32 29.30 -32.44
C ASN B 663 10.44 28.42 -33.30
N PRO B 664 9.72 27.46 -32.67
CA PRO B 664 8.83 26.49 -33.32
C PRO B 664 7.82 27.18 -34.25
N ASP B 665 7.38 28.37 -33.84
CA ASP B 665 6.40 29.14 -34.60
C ASP B 665 6.90 29.54 -35.98
N THR B 666 8.22 29.73 -36.12
CA THR B 666 8.77 30.17 -37.39
C THR B 666 10.01 29.45 -37.95
N ASP B 667 10.58 28.50 -37.21
CA ASP B 667 11.78 27.82 -37.71
C ASP B 667 11.63 26.34 -37.98
N SER B 668 10.47 25.78 -37.66
CA SER B 668 10.29 24.35 -37.85
C SER B 668 10.31 23.88 -39.31
N ILE B 669 10.92 22.72 -39.52
CA ILE B 669 11.02 22.12 -40.84
C ILE B 669 9.87 21.12 -40.99
N PRO B 670 9.18 21.11 -42.15
CA PRO B 670 8.07 20.19 -42.37
C PRO B 670 8.59 18.76 -42.27
N GLU B 671 7.77 17.85 -41.74
CA GLU B 671 8.19 16.46 -41.60
C GLU B 671 8.74 15.92 -42.93
N SER B 672 8.06 16.23 -44.02
CA SER B 672 8.48 15.74 -45.33
C SER B 672 9.83 16.32 -45.78
N GLU B 673 10.29 17.38 -45.13
CA GLU B 673 11.56 17.97 -45.53
C GLU B 673 12.72 17.72 -44.53
N LEU B 674 12.45 16.96 -43.48
CA LEU B 674 13.46 16.65 -42.47
C LEU B 674 14.50 15.71 -43.07
N LEU B 675 15.73 15.76 -42.55
CA LEU B 675 16.74 14.82 -43.04
C LEU B 675 16.17 13.49 -42.54
N GLU B 676 16.45 12.41 -43.26
CA GLU B 676 15.94 11.11 -42.85
C GLU B 676 16.32 10.67 -41.43
N VAL B 677 17.53 10.98 -41.00
CA VAL B 677 17.95 10.58 -39.65
C VAL B 677 17.07 11.27 -38.60
N ASP B 678 16.66 12.50 -38.90
CA ASP B 678 15.78 13.24 -37.99
C ASP B 678 14.39 12.60 -38.00
N ARG B 679 13.91 12.17 -39.17
CA ARG B 679 12.60 11.54 -39.26
C ARG B 679 12.64 10.21 -38.52
N TYR B 680 13.81 9.56 -38.51
CA TYR B 680 13.93 8.29 -37.79
C TYR B 680 13.74 8.55 -36.29
N LEU B 681 14.43 9.54 -35.75
CA LEU B 681 14.26 9.83 -34.32
C LEU B 681 12.86 10.29 -34.00
N LEU B 682 12.24 11.03 -34.91
CA LEU B 682 10.88 11.46 -34.67
C LEU B 682 10.02 10.21 -34.47
N ASN B 683 10.32 9.15 -35.21
CA ASN B 683 9.57 7.92 -35.09
C ASN B 683 9.96 7.10 -33.86
N ARG B 684 11.19 7.24 -33.39
CA ARG B 684 11.56 6.53 -32.18
C ARG B 684 10.81 7.24 -31.06
N LEU B 685 10.61 8.55 -31.22
CA LEU B 685 9.88 9.34 -30.23
C LEU B 685 8.43 8.87 -30.20
N ARG B 686 7.86 8.65 -31.37
CA ARG B 686 6.47 8.20 -31.45
C ARG B 686 6.30 6.82 -30.83
N GLU B 687 7.25 5.95 -31.11
CA GLU B 687 7.22 4.59 -30.58
C GLU B 687 7.33 4.60 -29.05
N PHE B 688 8.24 5.43 -28.53
CA PHE B 688 8.45 5.56 -27.09
C PHE B 688 7.22 6.17 -26.45
N THR B 689 6.60 7.12 -27.13
CA THR B 689 5.39 7.76 -26.61
C THR B 689 4.26 6.71 -26.55
N ALA B 690 4.01 6.00 -27.65
CA ALA B 690 2.95 4.99 -27.65
C ALA B 690 3.13 4.01 -26.49
N SER B 691 4.35 3.50 -26.38
CA SER B 691 4.67 2.54 -25.33
C SER B 691 4.40 3.09 -23.93
N THR B 692 4.84 4.33 -23.68
CA THR B 692 4.67 4.92 -22.37
C THR B 692 3.23 5.15 -21.96
N ILE B 693 2.41 5.62 -22.89
CA ILE B 693 1.01 5.85 -22.59
C ILE B 693 0.36 4.51 -22.25
N ASN B 694 0.70 3.49 -23.01
CA ASN B 694 0.15 2.17 -22.75
C ASN B 694 0.53 1.77 -21.33
N ASN B 695 1.78 2.01 -20.96
CA ASN B 695 2.25 1.64 -19.62
C ASN B 695 1.47 2.39 -18.55
N TYR B 696 1.22 3.67 -18.79
CA TYR B 696 0.45 4.47 -17.87
C TYR B 696 -0.98 3.92 -17.78
N GLU B 697 -1.54 3.52 -18.92
CA GLU B 697 -2.90 2.97 -18.92
C GLU B 697 -2.98 1.69 -18.06
N ASN B 698 -1.86 0.99 -17.94
CA ASN B 698 -1.81 -0.26 -17.17
C ASN B 698 -1.14 -0.15 -15.79
N PHE B 699 -0.83 1.06 -15.35
CA PHE B 699 -0.19 1.28 -14.05
C PHE B 699 1.17 0.60 -13.96
N ASP B 700 1.83 0.44 -15.11
CA ASP B 700 3.13 -0.20 -15.18
C ASP B 700 4.21 0.87 -15.26
N TYR B 701 4.52 1.47 -14.11
CA TYR B 701 5.51 2.53 -14.03
C TYR B 701 6.93 2.01 -14.12
N LEU B 702 7.12 0.76 -13.72
CA LEU B 702 8.44 0.17 -13.77
C LEU B 702 8.87 0.08 -15.23
N ASN B 703 7.93 -0.25 -16.10
CA ASN B 703 8.25 -0.36 -17.51
C ASN B 703 8.70 1.00 -18.06
N ILE B 704 8.15 2.08 -17.50
CA ILE B 704 8.52 3.41 -17.97
C ILE B 704 9.91 3.80 -17.50
N TYR B 705 10.22 3.43 -16.27
CA TYR B 705 11.53 3.72 -15.68
C TYR B 705 12.58 3.05 -16.55
N GLN B 706 12.29 1.82 -16.98
CA GLN B 706 13.21 1.05 -17.81
C GLN B 706 13.34 1.60 -19.21
N GLU B 707 12.21 1.94 -19.82
CA GLU B 707 12.22 2.46 -21.18
C GLU B 707 12.80 3.86 -21.26
N VAL B 708 12.44 4.72 -20.31
CA VAL B 708 12.96 6.07 -20.31
C VAL B 708 14.49 6.04 -20.34
N GLN B 709 15.07 5.17 -19.51
CA GLN B 709 16.53 5.07 -19.44
C GLN B 709 17.11 4.64 -20.77
N ASN B 710 16.57 3.58 -21.34
CA ASN B 710 17.06 3.07 -22.61
C ASN B 710 16.91 4.13 -23.70
N PHE B 711 15.82 4.90 -23.66
CA PHE B 711 15.64 5.92 -24.69
C PHE B 711 16.58 7.10 -24.51
N ILE B 712 16.81 7.48 -23.26
CA ILE B 712 17.69 8.60 -22.94
C ILE B 712 19.18 8.26 -23.13
N ASN B 713 19.56 7.06 -22.72
CA ASN B 713 20.94 6.60 -22.85
C ASN B 713 21.35 6.22 -24.27
N VAL B 714 20.61 5.28 -24.85
CA VAL B 714 20.91 4.76 -26.18
C VAL B 714 20.56 5.64 -27.38
N GLU B 715 19.28 5.96 -27.55
CA GLU B 715 18.86 6.78 -28.68
C GLU B 715 19.42 8.19 -28.67
N LEU B 716 19.23 8.87 -27.54
CA LEU B 716 19.66 10.24 -27.38
C LEU B 716 21.13 10.51 -27.07
N SER B 717 21.51 10.36 -25.81
CA SER B 717 22.88 10.64 -25.41
C SER B 717 23.96 9.93 -26.24
N ASN B 718 23.96 8.61 -26.21
CA ASN B 718 24.96 7.83 -26.95
C ASN B 718 25.02 8.19 -28.44
N PHE B 719 23.85 8.28 -29.07
CA PHE B 719 23.79 8.55 -30.50
C PHE B 719 23.38 9.91 -31.04
N TYR B 720 22.08 10.20 -31.00
CA TYR B 720 21.55 11.43 -31.57
C TYR B 720 22.18 12.71 -31.11
N LEU B 721 22.27 12.91 -29.79
CA LEU B 721 22.83 14.15 -29.29
C LEU B 721 24.33 14.24 -29.58
N ASP B 722 25.02 13.11 -29.60
CA ASP B 722 26.44 13.13 -29.90
C ASP B 722 26.60 13.52 -31.36
N TYR B 723 26.05 12.69 -32.25
CA TYR B 723 26.11 12.94 -33.68
C TYR B 723 25.69 14.37 -34.01
N GLY B 724 24.68 14.88 -33.30
CA GLY B 724 24.20 16.23 -33.55
C GLY B 724 25.20 17.36 -33.31
N LYS B 725 26.22 17.11 -32.53
CA LYS B 725 27.18 18.19 -32.25
C LYS B 725 27.79 18.74 -33.54
N ASP B 726 28.13 17.84 -34.46
CA ASP B 726 28.74 18.26 -35.72
C ASP B 726 27.76 19.06 -36.57
N ILE B 727 26.51 19.14 -36.13
CA ILE B 727 25.50 19.89 -36.86
C ILE B 727 25.06 21.12 -36.08
N LEU B 728 24.62 20.90 -34.84
CA LEU B 728 24.18 21.99 -33.97
C LEU B 728 25.24 23.05 -33.72
N TYR B 729 26.49 22.62 -33.57
CA TYR B 729 27.59 23.55 -33.28
C TYR B 729 28.23 24.17 -34.50
N ILE B 730 28.27 23.42 -35.60
CA ILE B 730 28.94 23.83 -36.83
C ILE B 730 28.15 24.51 -37.96
N GLU B 731 26.96 24.02 -38.24
CA GLU B 731 26.17 24.56 -39.34
C GLU B 731 25.65 25.97 -39.04
N GLN B 732 25.23 26.68 -40.09
CA GLN B 732 24.72 28.03 -39.94
C GLN B 732 23.46 27.94 -39.11
N ARG B 733 23.31 28.87 -38.17
CA ARG B 733 22.16 28.87 -37.27
C ARG B 733 20.80 28.53 -37.89
N ASP B 734 20.46 29.20 -38.97
CA ASP B 734 19.17 29.00 -39.63
C ASP B 734 19.24 28.07 -40.83
N SER B 735 20.28 27.26 -40.91
CA SER B 735 20.44 26.32 -42.02
C SER B 735 19.38 25.23 -41.90
N HIS B 736 19.00 24.67 -43.06
CA HIS B 736 18.00 23.62 -43.11
C HIS B 736 18.41 22.42 -42.27
N ILE B 737 19.67 22.02 -42.37
CA ILE B 737 20.13 20.85 -41.62
C ILE B 737 20.06 21.07 -40.10
N ARG B 738 20.45 22.24 -39.62
CA ARG B 738 20.39 22.50 -38.19
C ARG B 738 18.96 22.66 -37.71
N ARG B 739 18.14 23.37 -38.48
CA ARG B 739 16.77 23.56 -38.08
C ARG B 739 15.96 22.27 -38.11
N SER B 740 16.37 21.31 -38.92
CA SER B 740 15.67 20.04 -39.01
C SER B 740 15.86 19.22 -37.75
N MET B 741 17.09 19.20 -37.25
CA MET B 741 17.38 18.47 -36.03
C MET B 741 16.73 19.15 -34.82
N GLN B 742 16.73 20.47 -34.82
CA GLN B 742 16.13 21.24 -33.75
C GLN B 742 14.62 20.96 -33.74
N THR B 743 14.01 20.90 -34.92
CA THR B 743 12.59 20.63 -35.01
C THR B 743 12.22 19.32 -34.27
N VAL B 744 13.03 18.29 -34.44
CA VAL B 744 12.75 17.02 -33.77
C VAL B 744 13.19 17.10 -32.32
N LEU B 745 14.34 17.75 -32.08
CA LEU B 745 14.87 17.90 -30.73
C LEU B 745 13.87 18.61 -29.84
N TYR B 746 13.21 19.63 -30.39
CA TYR B 746 12.23 20.38 -29.62
C TYR B 746 11.06 19.48 -29.24
N GLN B 747 10.51 18.78 -30.22
CA GLN B 747 9.37 17.89 -29.95
C GLN B 747 9.72 16.87 -28.87
N ILE B 748 10.87 16.25 -29.00
CA ILE B 748 11.27 15.26 -28.01
C ILE B 748 11.38 15.90 -26.63
N LEU B 749 11.95 17.09 -26.58
CA LEU B 749 12.12 17.81 -25.32
C LEU B 749 10.74 17.96 -24.70
N VAL B 750 9.86 18.67 -25.41
CA VAL B 750 8.51 18.92 -24.92
C VAL B 750 7.76 17.65 -24.54
N ASP B 751 7.56 16.76 -25.51
CA ASP B 751 6.83 15.53 -25.25
C ASP B 751 7.39 14.75 -24.08
N MET B 752 8.69 14.51 -24.11
CA MET B 752 9.31 13.75 -23.02
C MET B 752 9.12 14.41 -21.65
N THR B 753 9.20 15.74 -21.59
CA THR B 753 9.00 16.34 -20.27
C THR B 753 7.54 16.13 -19.88
N LYS B 754 6.62 16.22 -20.84
CA LYS B 754 5.21 15.98 -20.52
C LYS B 754 4.98 14.52 -20.10
N LEU B 755 5.60 13.59 -20.82
CA LEU B 755 5.45 12.17 -20.50
C LEU B 755 6.02 11.82 -19.12
N LEU B 756 7.00 12.60 -18.66
CA LEU B 756 7.61 12.38 -17.35
C LEU B 756 6.97 13.19 -16.23
N ALA B 757 6.18 14.20 -16.59
CA ALA B 757 5.55 15.08 -15.60
C ALA B 757 4.85 14.40 -14.42
N PRO B 758 4.06 13.35 -14.68
CA PRO B 758 3.39 12.69 -13.55
C PRO B 758 4.36 12.13 -12.52
N ILE B 759 5.57 11.81 -12.96
CA ILE B 759 6.57 11.24 -12.06
C ILE B 759 7.54 12.30 -11.53
N LEU B 760 8.31 12.92 -12.41
CA LEU B 760 9.26 13.95 -11.98
C LEU B 760 8.53 15.27 -12.01
N VAL B 761 7.62 15.46 -11.05
CA VAL B 761 6.80 16.66 -10.98
C VAL B 761 7.58 17.96 -10.89
N HIS B 762 8.65 17.98 -10.10
CA HIS B 762 9.41 19.22 -9.97
C HIS B 762 10.32 19.50 -11.14
N THR B 763 11.07 18.49 -11.54
CA THR B 763 11.99 18.68 -12.63
C THR B 763 11.26 18.96 -13.93
N ALA B 764 10.09 18.34 -14.12
CA ALA B 764 9.34 18.57 -15.33
C ALA B 764 8.95 20.05 -15.41
N GLU B 765 8.53 20.61 -14.28
CA GLU B 765 8.15 22.02 -14.24
C GLU B 765 9.36 22.89 -14.50
N GLU B 766 10.46 22.57 -13.83
CA GLU B 766 11.70 23.34 -13.98
C GLU B 766 12.15 23.36 -15.45
N VAL B 767 12.04 22.21 -16.13
CA VAL B 767 12.42 22.14 -17.55
C VAL B 767 11.42 22.95 -18.38
N TRP B 768 10.14 22.81 -18.06
CA TRP B 768 9.09 23.54 -18.78
C TRP B 768 9.42 25.03 -18.68
N SER B 769 9.80 25.45 -17.46
CA SER B 769 10.13 26.85 -17.20
C SER B 769 11.29 27.38 -18.04
N HIS B 770 12.09 26.47 -18.58
CA HIS B 770 13.26 26.86 -19.37
C HIS B 770 13.10 26.55 -20.85
N THR B 771 11.90 26.18 -21.26
CA THR B 771 11.65 25.87 -22.67
C THR B 771 10.97 27.05 -23.35
N PRO B 772 11.59 27.58 -24.42
CA PRO B 772 10.95 28.72 -25.08
C PRO B 772 9.68 28.32 -25.83
N HIS B 773 8.72 29.23 -25.86
CA HIS B 773 7.47 29.07 -26.61
C HIS B 773 6.40 28.04 -26.19
N VAL B 774 6.59 27.34 -25.08
CA VAL B 774 5.53 26.40 -24.66
C VAL B 774 4.31 27.23 -24.28
N LYS B 775 3.14 26.81 -24.75
CA LYS B 775 1.89 27.52 -24.50
C LYS B 775 1.50 27.72 -23.05
N GLU B 776 1.00 26.65 -22.44
CA GLU B 776 0.56 26.70 -21.06
C GLU B 776 1.64 26.98 -20.03
N GLU B 777 1.20 27.48 -18.89
CA GLU B 777 2.09 27.75 -17.78
C GLU B 777 1.99 26.41 -17.05
N SER B 778 3.10 25.82 -16.64
CA SER B 778 3.04 24.53 -15.93
C SER B 778 2.75 23.30 -16.79
N VAL B 779 3.72 22.39 -16.84
CA VAL B 779 3.59 21.13 -17.58
C VAL B 779 2.33 20.41 -17.11
N HIS B 780 2.12 20.50 -15.81
CA HIS B 780 1.01 19.85 -15.13
C HIS B 780 -0.38 20.26 -15.56
N LEU B 781 -0.48 21.33 -16.33
CA LEU B 781 -1.78 21.79 -16.83
C LEU B 781 -1.83 21.62 -18.36
N ALA B 782 -0.94 20.81 -18.89
CA ALA B 782 -0.91 20.55 -20.33
C ALA B 782 -1.40 19.12 -20.57
N ASP B 783 -1.63 18.75 -21.83
CA ASP B 783 -2.10 17.39 -22.14
C ASP B 783 -0.98 16.53 -22.68
N MET B 784 -1.12 15.21 -22.49
CA MET B 784 -0.13 14.24 -22.97
C MET B 784 -0.05 14.26 -24.49
N PRO B 785 1.15 14.01 -25.04
CA PRO B 785 1.19 14.02 -26.51
C PRO B 785 0.27 12.91 -27.04
N LYS B 786 -0.37 13.16 -28.17
CA LYS B 786 -1.26 12.19 -28.78
C LYS B 786 -0.46 11.04 -29.37
N VAL B 787 -1.01 9.84 -29.31
CA VAL B 787 -0.35 8.65 -29.85
C VAL B 787 -0.59 8.53 -31.36
N VAL B 788 0.49 8.49 -32.13
CA VAL B 788 0.37 8.37 -33.59
C VAL B 788 1.11 7.11 -34.09
N GLU B 789 0.69 6.62 -35.25
CA GLU B 789 1.30 5.43 -35.87
C GLU B 789 2.74 5.67 -36.27
N VAL B 790 3.60 4.69 -36.02
CA VAL B 790 5.01 4.82 -36.36
C VAL B 790 5.27 4.24 -37.74
N ASP B 791 6.34 4.69 -38.39
CA ASP B 791 6.71 4.13 -39.69
C ASP B 791 7.61 2.95 -39.33
N GLN B 792 7.04 1.75 -39.31
CA GLN B 792 7.80 0.56 -38.96
C GLN B 792 8.95 0.19 -39.90
N ALA B 793 8.78 0.46 -41.20
CA ALA B 793 9.85 0.13 -42.15
C ALA B 793 11.04 1.04 -41.90
N LEU B 794 10.78 2.30 -41.57
CA LEU B 794 11.89 3.22 -41.30
C LEU B 794 12.65 2.71 -40.09
N LEU B 795 11.89 2.27 -39.08
CA LEU B 795 12.49 1.75 -37.86
C LEU B 795 13.35 0.52 -38.12
N ASP B 796 12.80 -0.47 -38.84
CA ASP B 796 13.57 -1.69 -39.13
C ASP B 796 14.85 -1.31 -39.86
N LYS B 797 14.71 -0.45 -40.86
CA LYS B 797 15.86 0.00 -41.64
C LYS B 797 16.94 0.60 -40.71
N TRP B 798 16.58 1.54 -39.85
CA TRP B 798 17.60 2.11 -38.98
C TRP B 798 18.05 1.21 -37.86
N ARG B 799 17.20 0.26 -37.46
CA ARG B 799 17.57 -0.70 -36.42
C ARG B 799 18.78 -1.45 -36.97
N THR B 800 18.72 -1.78 -38.25
CA THR B 800 19.80 -2.48 -38.93
C THR B 800 20.99 -1.53 -39.07
N PHE B 801 20.75 -0.27 -39.43
CA PHE B 801 21.86 0.64 -39.53
C PHE B 801 22.58 0.74 -38.19
N MET B 802 21.81 0.75 -37.10
CA MET B 802 22.41 0.85 -35.78
C MET B 802 23.26 -0.37 -35.45
N ASN B 803 22.79 -1.56 -35.81
CA ASN B 803 23.58 -2.75 -35.53
C ASN B 803 24.85 -2.69 -36.38
N LEU B 804 24.77 -2.01 -37.52
CA LEU B 804 25.92 -1.86 -38.40
C LEU B 804 26.85 -0.82 -37.77
N ARG B 805 26.27 0.19 -37.11
CA ARG B 805 27.07 1.22 -36.45
C ARG B 805 27.92 0.59 -35.35
N ASP B 806 27.36 -0.39 -34.65
CA ASP B 806 28.08 -1.06 -33.58
C ASP B 806 29.32 -1.78 -34.12
N ASP B 807 29.23 -2.38 -35.31
CA ASP B 807 30.40 -3.06 -35.85
C ASP B 807 31.49 -2.05 -36.18
N VAL B 808 31.08 -0.92 -36.73
CA VAL B 808 32.03 0.14 -37.06
C VAL B 808 32.75 0.57 -35.80
N ASN B 809 31.97 0.91 -34.77
CA ASN B 809 32.53 1.33 -33.49
C ASN B 809 33.50 0.28 -32.95
N ARG B 810 33.19 -1.00 -33.18
CA ARG B 810 34.05 -2.10 -32.75
C ARG B 810 35.35 -1.99 -33.55
N ALA B 811 35.23 -1.71 -34.84
CA ALA B 811 36.39 -1.57 -35.71
C ALA B 811 37.17 -0.35 -35.25
N LEU B 812 36.45 0.72 -34.91
CA LEU B 812 37.12 1.93 -34.45
C LEU B 812 37.85 1.69 -33.13
N GLU B 813 37.28 0.87 -32.25
CA GLU B 813 37.91 0.57 -30.97
C GLU B 813 39.25 -0.14 -31.18
N THR B 814 39.24 -1.19 -31.97
CA THR B 814 40.45 -1.96 -32.27
C THR B 814 41.54 -1.01 -32.76
N ALA B 815 41.21 -0.21 -33.77
CA ALA B 815 42.16 0.75 -34.31
C ALA B 815 42.60 1.76 -33.25
N ARG B 816 41.70 2.10 -32.33
CA ARG B 816 42.06 3.05 -31.27
C ARG B 816 43.00 2.43 -30.26
N ASN B 817 42.86 1.13 -30.01
CA ASN B 817 43.74 0.47 -29.06
C ASN B 817 45.15 0.43 -29.65
N GLU B 818 45.22 0.47 -30.99
CA GLU B 818 46.47 0.44 -31.73
C GLU B 818 47.04 1.84 -31.96
N LYS B 819 46.47 2.83 -31.28
CA LYS B 819 46.94 4.21 -31.41
C LYS B 819 46.89 4.71 -32.86
N VAL B 820 46.20 3.98 -33.72
CA VAL B 820 46.06 4.39 -35.12
C VAL B 820 45.16 5.63 -35.14
N ILE B 821 44.24 5.67 -34.19
CA ILE B 821 43.30 6.78 -34.11
C ILE B 821 43.05 7.15 -32.65
N GLY B 822 42.60 8.38 -32.43
CA GLY B 822 42.25 8.83 -31.09
C GLY B 822 40.75 8.94 -31.14
N LYS B 823 40.24 10.16 -31.25
CA LYS B 823 38.80 10.41 -31.37
C LYS B 823 38.37 9.83 -32.72
N SER B 824 37.13 9.36 -32.81
CA SER B 824 36.63 8.78 -34.05
C SER B 824 36.79 9.69 -35.28
N LEU B 825 36.92 10.98 -35.04
CA LEU B 825 37.07 11.92 -36.15
C LEU B 825 38.37 11.78 -36.93
N GLU B 826 39.40 11.19 -36.32
CA GLU B 826 40.68 11.03 -37.01
C GLU B 826 40.64 9.79 -37.88
N ALA B 827 39.44 9.22 -38.02
CA ALA B 827 39.30 8.00 -38.79
C ALA B 827 38.65 8.12 -40.16
N LYS B 828 39.02 7.18 -41.01
CA LYS B 828 38.50 7.03 -42.35
C LYS B 828 37.95 5.62 -42.32
N VAL B 829 36.67 5.46 -42.63
CA VAL B 829 36.10 4.13 -42.63
C VAL B 829 35.79 3.63 -44.03
N THR B 830 36.31 2.44 -44.35
CA THR B 830 36.03 1.82 -45.64
C THR B 830 35.28 0.56 -45.23
N ILE B 831 34.20 0.27 -45.93
CA ILE B 831 33.39 -0.88 -45.60
C ILE B 831 32.85 -1.47 -46.90
N ALA B 832 32.55 -2.76 -46.91
CA ALA B 832 32.03 -3.41 -48.11
C ALA B 832 31.22 -4.65 -47.77
N SER B 833 30.37 -5.07 -48.72
CA SER B 833 29.53 -6.24 -48.52
C SER B 833 30.31 -7.47 -48.09
N ASN B 834 29.63 -8.33 -47.33
CA ASN B 834 30.20 -9.55 -46.78
C ASN B 834 29.29 -10.70 -47.18
N ASP B 835 29.65 -11.92 -46.79
CA ASP B 835 28.79 -13.06 -47.07
C ASP B 835 27.61 -12.92 -46.14
N LYS B 836 27.87 -12.32 -44.98
CA LYS B 836 26.82 -12.13 -43.98
C LYS B 836 25.95 -10.89 -44.16
N PHE B 837 26.38 -9.94 -44.99
CA PHE B 837 25.57 -8.74 -45.17
C PHE B 837 25.95 -7.93 -46.40
N ASN B 838 24.95 -7.52 -47.18
CA ASN B 838 25.20 -6.74 -48.38
C ASN B 838 25.41 -5.26 -48.05
N ALA B 839 26.41 -4.98 -47.24
CA ALA B 839 26.72 -3.62 -46.80
C ALA B 839 26.71 -2.57 -47.91
N SER B 840 27.35 -2.92 -49.03
CA SER B 840 27.46 -2.00 -50.16
C SER B 840 26.12 -1.48 -50.66
N GLU B 841 25.16 -2.39 -50.86
CA GLU B 841 23.84 -1.98 -51.33
C GLU B 841 23.07 -1.28 -50.21
N PHE B 842 23.07 -1.87 -49.02
CA PHE B 842 22.36 -1.30 -47.86
C PHE B 842 22.77 0.15 -47.58
N LEU B 843 24.08 0.39 -47.43
CA LEU B 843 24.58 1.72 -47.15
C LEU B 843 24.30 2.74 -48.25
N THR B 844 23.76 2.29 -49.38
CA THR B 844 23.48 3.18 -50.48
C THR B 844 22.34 4.17 -50.17
N SER B 845 21.45 3.79 -49.27
CA SER B 845 20.32 4.66 -48.93
C SER B 845 20.49 5.46 -47.64
N PHE B 846 21.70 5.97 -47.42
CA PHE B 846 21.99 6.78 -46.25
C PHE B 846 22.80 7.99 -46.72
N ASP B 847 22.60 9.12 -46.07
CA ASP B 847 23.32 10.34 -46.40
C ASP B 847 24.31 10.62 -45.30
N ALA B 848 25.42 11.24 -45.67
CA ALA B 848 26.44 11.62 -44.69
C ALA B 848 26.83 10.49 -43.73
N LEU B 849 27.38 9.41 -44.25
CA LEU B 849 27.80 8.33 -43.38
C LEU B 849 28.88 8.84 -42.44
N HIS B 850 29.72 9.77 -42.92
CA HIS B 850 30.79 10.28 -42.06
C HIS B 850 30.25 10.96 -40.80
N GLN B 851 29.15 11.69 -40.91
CA GLN B 851 28.59 12.31 -39.72
C GLN B 851 27.92 11.25 -38.86
N LEU B 852 27.20 10.34 -39.51
CA LEU B 852 26.50 9.29 -38.79
C LEU B 852 27.40 8.44 -37.91
N PHE B 853 28.64 8.21 -38.35
CA PHE B 853 29.57 7.39 -37.58
C PHE B 853 30.53 8.26 -36.76
N ILE B 854 30.40 9.57 -36.88
CA ILE B 854 31.28 10.52 -36.19
C ILE B 854 32.72 10.34 -36.69
N VAL B 855 32.90 10.14 -37.99
CA VAL B 855 34.25 9.99 -38.54
C VAL B 855 34.47 11.01 -39.63
N SER B 856 35.74 11.22 -40.00
CA SER B 856 36.05 12.17 -41.05
C SER B 856 35.60 11.74 -42.43
N GLN B 857 35.76 10.46 -42.76
CA GLN B 857 35.34 10.01 -44.09
C GLN B 857 34.96 8.54 -44.16
N VAL B 858 33.94 8.29 -44.96
CA VAL B 858 33.45 6.93 -45.16
C VAL B 858 33.51 6.59 -46.64
N LYS B 859 34.05 5.41 -46.93
CA LYS B 859 34.20 4.94 -48.28
C LYS B 859 33.53 3.59 -48.40
N VAL B 860 32.50 3.49 -49.22
CA VAL B 860 31.77 2.23 -49.44
C VAL B 860 32.31 1.71 -50.76
N VAL B 861 32.98 0.57 -50.74
CA VAL B 861 33.63 0.06 -51.94
C VAL B 861 33.06 -1.11 -52.76
N ASP B 862 32.47 -2.11 -52.12
CA ASP B 862 31.91 -3.29 -52.80
C ASP B 862 32.64 -4.56 -52.41
N LYS B 863 33.97 -4.49 -52.33
CA LYS B 863 34.76 -5.65 -51.96
C LYS B 863 36.14 -5.28 -51.42
N LEU B 864 36.57 -5.99 -50.38
CA LEU B 864 37.87 -5.75 -49.75
C LEU B 864 38.64 -7.07 -49.64
N ASP B 865 39.95 -6.99 -49.80
CA ASP B 865 40.82 -8.18 -49.76
C ASP B 865 40.94 -8.75 -48.36
N ASP B 866 41.69 -9.83 -48.22
CA ASP B 866 41.87 -10.48 -46.93
C ASP B 866 42.79 -9.69 -46.01
N GLN B 867 42.39 -8.45 -45.77
CA GLN B 867 43.10 -7.52 -44.89
C GLN B 867 42.02 -7.00 -43.94
N ALA B 868 40.86 -6.70 -44.54
CA ALA B 868 39.72 -6.19 -43.81
C ALA B 868 39.14 -7.27 -42.91
N THR B 869 38.75 -6.89 -41.71
CA THR B 869 38.17 -7.85 -40.80
C THR B 869 36.68 -7.97 -41.11
N ALA B 870 36.14 -9.17 -40.93
CA ALA B 870 34.74 -9.42 -41.24
C ALA B 870 33.84 -9.16 -40.04
N TYR B 871 32.67 -8.59 -40.32
CA TYR B 871 31.69 -8.30 -39.30
C TYR B 871 30.32 -8.79 -39.74
N GLU B 872 29.43 -8.93 -38.76
CA GLU B 872 28.08 -9.38 -39.01
C GLU B 872 27.43 -8.53 -40.08
N HIS B 873 27.93 -7.31 -40.25
CA HIS B 873 27.37 -6.40 -41.24
C HIS B 873 28.31 -5.96 -42.35
N GLY B 874 29.33 -6.76 -42.63
CA GLY B 874 30.26 -6.42 -43.69
C GLY B 874 31.71 -6.39 -43.28
N ASP B 875 32.59 -6.17 -44.24
CA ASP B 875 34.03 -6.09 -43.98
C ASP B 875 34.34 -4.62 -43.72
N ILE B 876 35.18 -4.37 -42.73
CA ILE B 876 35.52 -3.00 -42.40
C ILE B 876 37.02 -2.80 -42.31
N VAL B 877 37.48 -1.66 -42.82
CA VAL B 877 38.88 -1.29 -42.80
C VAL B 877 38.95 0.10 -42.18
N ILE B 878 39.77 0.26 -41.14
CA ILE B 878 39.92 1.55 -40.51
C ILE B 878 41.35 2.05 -40.69
N GLU B 879 41.48 3.33 -40.97
CA GLU B 879 42.81 3.94 -41.10
C GLU B 879 42.65 5.40 -40.73
N HIS B 880 43.75 6.08 -40.45
CA HIS B 880 43.70 7.49 -40.08
C HIS B 880 43.12 8.27 -41.24
N ALA B 881 42.32 9.29 -40.95
CA ALA B 881 41.70 10.09 -42.00
C ALA B 881 42.70 10.90 -42.83
N ASP B 882 42.27 11.29 -44.02
CA ASP B 882 43.10 12.05 -44.94
C ASP B 882 42.96 13.55 -44.71
N GLY B 883 43.99 14.28 -45.11
CA GLY B 883 43.97 15.72 -44.97
C GLY B 883 44.51 16.22 -43.65
N GLU B 884 44.07 17.42 -43.28
CA GLU B 884 44.49 18.05 -42.06
C GLU B 884 43.27 18.35 -41.22
N LYS B 885 43.49 18.63 -39.95
CA LYS B 885 42.43 18.93 -39.03
C LYS B 885 41.87 20.35 -39.21
N CYS B 886 40.56 20.44 -39.43
CA CYS B 886 39.92 21.75 -39.56
C CYS B 886 39.80 22.26 -38.12
N GLU B 887 40.38 23.42 -37.85
CA GLU B 887 40.35 23.98 -36.51
C GLU B 887 38.98 24.37 -36.00
N ARG B 888 37.96 24.36 -36.86
CA ARG B 888 36.65 24.72 -36.37
C ARG B 888 35.76 23.52 -36.03
N CYS B 889 35.47 22.66 -37.01
CA CYS B 889 34.61 21.51 -36.76
C CYS B 889 35.38 20.25 -36.36
N TRP B 890 36.69 20.33 -36.42
CA TRP B 890 37.58 19.23 -36.06
C TRP B 890 37.55 17.99 -36.96
N ASN B 891 36.93 18.11 -38.12
CA ASN B 891 36.90 17.01 -39.08
C ASN B 891 38.17 17.16 -39.92
N TYR B 892 38.71 16.07 -40.44
CA TYR B 892 39.89 16.19 -41.29
C TYR B 892 39.49 16.49 -42.73
N SER B 893 40.20 17.41 -43.35
CA SER B 893 39.92 17.83 -44.73
C SER B 893 41.23 18.01 -45.49
N GLU B 894 41.21 17.71 -46.78
CA GLU B 894 42.39 17.86 -47.64
C GLU B 894 42.34 19.19 -48.38
N ASP B 895 41.35 20.02 -48.04
CA ASP B 895 41.18 21.33 -48.66
C ASP B 895 40.90 22.43 -47.66
N LEU B 896 41.77 22.55 -46.66
CA LEU B 896 41.61 23.59 -45.66
C LEU B 896 41.93 24.95 -46.26
N GLY B 897 41.17 25.96 -45.85
CA GLY B 897 41.37 27.30 -46.35
C GLY B 897 41.21 28.31 -45.21
N ALA B 898 41.61 29.55 -45.45
CA ALA B 898 41.49 30.58 -44.42
C ALA B 898 40.43 31.61 -44.78
N VAL B 899 39.73 32.09 -43.76
CA VAL B 899 38.70 33.12 -43.93
C VAL B 899 39.11 34.27 -43.03
N ASP B 900 39.87 35.20 -43.59
CA ASP B 900 40.38 36.34 -42.85
C ASP B 900 41.41 35.80 -41.85
N GLU B 901 41.35 36.26 -40.60
CA GLU B 901 42.29 35.82 -39.58
C GLU B 901 42.19 34.33 -39.21
N LEU B 902 41.06 33.70 -39.52
CA LEU B 902 40.86 32.29 -39.20
C LEU B 902 41.35 31.30 -40.25
N THR B 903 42.42 30.60 -39.92
CA THR B 903 43.02 29.61 -40.83
C THR B 903 42.55 28.19 -40.53
N HIS B 904 42.95 27.26 -41.39
CA HIS B 904 42.63 25.83 -41.24
C HIS B 904 41.14 25.53 -41.11
N LEU B 905 40.36 26.09 -42.01
CA LEU B 905 38.92 25.89 -42.02
C LEU B 905 38.58 25.06 -43.25
N CYS B 906 37.74 24.05 -43.08
CA CYS B 906 37.36 23.24 -44.22
C CYS B 906 36.38 24.07 -45.06
N PRO B 907 36.10 23.63 -46.30
CA PRO B 907 35.17 24.38 -47.17
C PRO B 907 33.83 24.62 -46.50
N ARG B 908 33.35 23.61 -45.78
CA ARG B 908 32.08 23.71 -45.11
C ARG B 908 32.12 24.82 -44.06
N CYS B 909 33.16 24.84 -43.25
CA CYS B 909 33.26 25.88 -42.24
C CYS B 909 33.60 27.26 -42.82
N GLN B 910 34.27 27.30 -43.96
CA GLN B 910 34.57 28.60 -44.57
C GLN B 910 33.26 29.29 -44.92
N GLN B 911 32.31 28.51 -45.42
CA GLN B 911 31.00 29.03 -45.81
C GLN B 911 30.21 29.55 -44.61
N VAL B 912 30.20 28.79 -43.51
CA VAL B 912 29.48 29.20 -42.30
C VAL B 912 30.06 30.50 -41.76
N VAL B 913 31.39 30.53 -41.65
CA VAL B 913 32.10 31.69 -41.14
C VAL B 913 31.89 32.93 -42.01
N LYS B 914 32.00 32.76 -43.33
CA LYS B 914 31.80 33.87 -44.26
C LYS B 914 30.40 34.49 -44.07
N SER B 915 29.43 33.67 -43.70
CA SER B 915 28.07 34.15 -43.50
C SER B 915 27.92 34.88 -42.16
N LEU B 916 29.00 34.91 -41.38
CA LEU B 916 28.97 35.57 -40.09
C LEU B 916 29.44 37.00 -40.28
N VAL B 917 30.75 37.18 -40.17
CA VAL B 917 31.42 38.48 -40.31
C VAL B 917 30.74 39.59 -39.50
K K C . 35.25 15.97 -24.39
MG MG D . 14.54 -39.85 -18.49
MG MG E . 17.04 -32.17 -14.07
MG MG F . 10.07 -9.30 -11.57
MG MG G . 28.00 -2.47 -19.77
MG MG H . 25.48 5.63 -21.06
MG MG I . 19.28 -12.83 -6.44
MG MG J . 10.47 -19.67 -22.22
MG MG K . 7.71 -4.82 -15.83
MG MG L . 22.75 -23.49 -8.66
MG MG M . 18.42 -9.37 -7.65
ZN ZN N . 35.31 22.52 -40.57
ZN ZN O . 7.41 -9.99 35.68
C1 MRC P . 5.06 -0.29 4.95
C2 MRC P . 3.67 -0.15 5.09
C3 MRC P . 2.68 -0.05 4.10
C4 MRC P . 1.19 0.07 4.44
C5 MRC P . 0.12 1.07 4.00
C6 MRC P . -1.40 1.11 4.31
C7 MRC P . -2.00 2.38 3.61
C8 MRC P . -1.25 3.72 4.05
C9 MRC P . -1.78 3.95 5.61
C10 MRC P . -3.21 4.25 6.20
C11 MRC P . -4.01 3.19 6.55
C12 MRC P . -5.48 3.20 6.03
C13 MRC P . -6.57 2.42 7.06
C14 MRC P . -7.87 3.22 6.93
C15 MRC P . 2.96 -0.08 2.58
C16 MRC P . 0.26 3.46 3.78
C1' MRC P . 10.15 -1.03 14.24
O1P MRC P . 11.07 -0.76 15.04
O1Q MRC P . 9.86 -2.22 14.02
C2' MRC P . 9.37 0.10 13.53
C3' MRC P . 10.31 1.03 12.70
C4' MRC P . 9.55 1.79 11.60
C5' MRC P . 9.44 0.95 10.32
C6' MRC P . 8.68 1.74 9.23
C7' MRC P . 7.57 0.88 8.61
C8' MRC P . 7.91 0.45 7.17
C9' MRC P . 6.78 0.75 6.16
O1A MRC P . 5.88 -0.37 6.10
O1B MRC P . 5.62 -0.39 3.85
O5 MRC P . 0.78 2.25 4.40
O7 MRC P . -1.92 2.16 2.23
O6 MRC P . -1.89 -0.13 3.71
O10 MRC P . -3.75 4.30 7.44
C17 MRC P . -5.68 2.58 4.53
O13 MRC P . -6.09 2.58 8.37
#